data_8C6D
#
_entry.id   8C6D
#
_cell.length_a   1.00
_cell.length_b   1.00
_cell.length_c   1.00
_cell.angle_alpha   90.00
_cell.angle_beta   90.00
_cell.angle_gamma   90.00
#
_symmetry.space_group_name_H-M   'P 1'
#
loop_
_entity.id
_entity.type
_entity.pdbx_description
1 polymer 'Genome polyprotein'
2 polymer 'Genome polyprotein (Fragment)'
3 polymer 'Genome polyprotein'
4 non-polymer (2S,3R,4E)-2-aminooctadec-4-ene-1,3-diol
#
loop_
_entity_poly.entity_id
_entity_poly.type
_entity_poly.pdbx_seq_one_letter_code
_entity_poly.pdbx_strand_id
1 'polypeptide(L)'
;GDRVADMIESSIGNSVSRALTQALPAPTGQNTQVSSHRLDTGEVPALQAAEIGASSNTSDESMIETRCVLNSHSTAETTL
DSFFSRAGLVGEIDLPLEGTTNPNGYANWDIDITGCAQMRRKVELFTYMRFDAEFTFVACTPTGQVVPQLLQYMFVPPGA
PIPESRESLAWQTATNPSVFVKLTDPPAQVSVPFMSPASAYQWFYDGYPTFGEHKQEKDLEYGACPNNMMGTFSVRTVGS
SKSKYALVVRIYMRMKHVRAWIPRPMRNQNYLFKANPNYAGDSIKPTGTSRNAITTL
;
A
2 'polypeptide(L)'
;MGSQVSTQRSGSHENSNSATEGSTINYTTINYYKDSYAATAGKQSLKQDPDKFANPVKDVFTEMAAPLKSPSAEACGYSD
RVAQLTIGNSTITTQEAANIIVGYGEWPSYCSDDDATAVDKPTRPDVSVNRFYTLDTKLWEKSSKGWYWKFPDVLTETGV
FGQNAQFHYLYRSGFCIHVQCNASKFHQGALLVAILPEYVIGTVAGGTGTEDSHPPYIQTQPGADGFELQHPYVLDAGIP
ISQLTVCPHQWINLRTNNCATIIVPYMNTLPFDSALNHCNFGLLVVPISPLDFDQGATPVIPITITLAPMCSEFAGLRQA
VTQ
;
B
3 'polypeptide(L)'
;GFPTELKPGTNQFLTTDDGVSAPILPNFHPTPCIHIPGEVRNLLELCQVETILEVNNVPTNATSLMERLRFPVSAQAGKG
ELCAVFRADPGRDGPWQSTMLGQLCGYYTQWSGSLEVTFMFTGSFMATGKMLIAYTPPGGPLPKDRATAMLGTHVIWDFG
LQSSVTLVIPWISNTHYRAHARDGVFDYYTTGLVSIWYQTNYVVPIGAPNTAYIIALAAAQKNFTMKLCKDTSHMLQTAS
IQ
;
C
#
# COMPACT_ATOMS: atom_id res chain seq x y z
N THR A 58 -7.48 -21.90 3.20
CA THR A 58 -8.52 -22.73 2.62
C THR A 58 -7.99 -23.40 1.33
N SER A 59 -8.59 -24.53 0.97
CA SER A 59 -8.13 -25.34 -0.13
C SER A 59 -9.24 -25.52 -1.17
N ASP A 60 -8.93 -26.29 -2.21
CA ASP A 60 -9.88 -26.43 -3.30
C ASP A 60 -10.59 -27.78 -3.29
N GLU A 61 -9.94 -28.83 -2.80
CA GLU A 61 -10.63 -30.07 -2.45
C GLU A 61 -11.15 -30.06 -1.02
N SER A 62 -11.01 -28.95 -0.30
CA SER A 62 -11.94 -28.60 0.76
C SER A 62 -13.23 -28.00 0.21
N MET A 63 -13.26 -27.71 -1.10
CA MET A 63 -14.33 -26.99 -1.75
C MET A 63 -15.07 -27.81 -2.81
N ILE A 64 -14.36 -28.40 -3.77
CA ILE A 64 -14.94 -29.17 -4.87
C ILE A 64 -14.20 -30.49 -4.99
N GLU A 65 -14.63 -31.31 -5.95
CA GLU A 65 -13.78 -32.41 -6.40
C GLU A 65 -12.67 -31.90 -7.29
N THR A 66 -11.45 -32.33 -7.00
CA THR A 66 -10.25 -31.76 -7.58
C THR A 66 -9.46 -32.85 -8.30
N ARG A 67 -8.96 -32.50 -9.48
CA ARG A 67 -8.06 -33.34 -10.24
C ARG A 67 -6.62 -32.92 -9.97
N CYS A 68 -5.69 -33.84 -10.24
CA CYS A 68 -4.27 -33.56 -10.09
C CYS A 68 -3.82 -32.66 -11.23
N VAL A 69 -3.44 -31.43 -10.92
CA VAL A 69 -2.90 -30.50 -11.90
C VAL A 69 -1.43 -30.28 -11.57
N LEU A 70 -0.55 -30.87 -12.37
CA LEU A 70 0.88 -30.72 -12.18
C LEU A 70 1.30 -29.33 -12.66
N ASN A 71 1.22 -28.36 -11.76
CA ASN A 71 1.24 -26.94 -12.13
C ASN A 71 2.67 -26.42 -12.08
N SER A 72 3.21 -26.08 -13.25
CA SER A 72 4.53 -25.49 -13.37
C SER A 72 4.48 -23.99 -13.65
N HIS A 73 3.54 -23.28 -13.04
CA HIS A 73 3.33 -21.86 -13.30
C HIS A 73 4.31 -21.04 -12.46
N SER A 74 5.15 -20.26 -13.14
CA SER A 74 6.23 -19.56 -12.49
C SER A 74 5.72 -18.31 -11.76
N THR A 75 6.35 -18.02 -10.63
CA THR A 75 6.08 -16.81 -9.86
C THR A 75 7.19 -15.78 -10.02
N ALA A 76 8.11 -15.99 -10.96
CA ALA A 76 9.30 -15.15 -11.09
C ALA A 76 8.98 -13.77 -11.63
N GLU A 77 7.85 -13.59 -12.29
CA GLU A 77 7.54 -12.27 -12.82
C GLU A 77 6.78 -11.42 -11.81
N THR A 78 6.32 -12.01 -10.71
CA THR A 78 5.71 -11.24 -9.64
C THR A 78 6.66 -10.93 -8.50
N THR A 79 7.94 -11.22 -8.68
CA THR A 79 8.95 -10.74 -7.74
C THR A 79 9.08 -9.23 -7.82
N LEU A 80 9.73 -8.66 -6.82
CA LEU A 80 9.95 -7.22 -6.75
C LEU A 80 10.89 -6.73 -7.84
N ASP A 81 11.86 -7.55 -8.23
CA ASP A 81 12.70 -7.19 -9.37
C ASP A 81 11.87 -7.08 -10.64
N SER A 82 11.14 -8.15 -10.99
CA SER A 82 10.41 -8.16 -12.26
C SER A 82 9.25 -7.18 -12.27
N PHE A 83 8.76 -6.78 -11.11
CA PHE A 83 7.72 -5.77 -11.05
C PHE A 83 8.30 -4.35 -11.13
N PHE A 84 9.48 -4.14 -10.56
CA PHE A 84 10.05 -2.80 -10.47
C PHE A 84 11.26 -2.56 -11.36
N SER A 85 11.89 -3.59 -11.92
CA SER A 85 13.00 -3.35 -12.85
C SER A 85 12.52 -3.16 -14.28
N ARG A 86 11.57 -2.25 -14.40
CA ARG A 86 11.09 -1.72 -15.66
C ARG A 86 11.20 -0.21 -15.52
N ALA A 87 12.00 0.39 -16.38
CA ALA A 87 12.27 1.82 -16.26
C ALA A 87 11.02 2.63 -16.60
N GLY A 88 10.61 3.48 -15.67
CA GLY A 88 9.47 4.33 -15.90
C GLY A 88 9.87 5.77 -15.74
N LEU A 89 9.09 6.64 -16.36
CA LEU A 89 9.27 8.07 -16.24
C LEU A 89 9.09 8.48 -14.78
N VAL A 90 10.07 9.17 -14.24
CA VAL A 90 9.99 9.73 -12.90
C VAL A 90 10.12 11.24 -12.91
N GLY A 91 10.62 11.82 -14.00
CA GLY A 91 10.72 13.26 -14.11
C GLY A 91 10.96 13.64 -15.54
N GLU A 92 10.41 14.78 -15.94
CA GLU A 92 10.66 15.34 -17.25
C GLU A 92 11.05 16.78 -17.07
N ILE A 93 12.20 17.16 -17.61
CA ILE A 93 12.80 18.47 -17.39
C ILE A 93 12.78 19.23 -18.70
N ASP A 94 12.08 20.35 -18.72
CA ASP A 94 12.16 21.27 -19.83
C ASP A 94 13.40 22.14 -19.70
N LEU A 95 14.15 22.26 -20.78
CA LEU A 95 15.21 23.25 -20.93
C LEU A 95 14.86 24.08 -22.17
N PRO A 96 13.89 24.97 -22.06
CA PRO A 96 13.38 25.65 -23.26
C PRO A 96 14.28 26.81 -23.65
N LEU A 97 14.03 27.34 -24.85
CA LEU A 97 14.72 28.55 -25.29
C LEU A 97 14.13 29.77 -24.62
N GLU A 98 12.83 30.00 -24.80
CA GLU A 98 12.15 31.11 -24.17
C GLU A 98 11.29 30.58 -23.03
N GLY A 99 10.69 31.49 -22.28
CA GLY A 99 9.78 31.13 -21.22
C GLY A 99 10.36 31.42 -19.85
N THR A 100 9.67 30.90 -18.83
CA THR A 100 10.06 31.07 -17.44
C THR A 100 10.33 29.75 -16.74
N THR A 101 10.18 28.61 -17.44
CA THR A 101 10.31 27.29 -16.85
C THR A 101 11.73 27.02 -16.35
N ASN A 102 12.68 26.91 -17.27
CA ASN A 102 14.10 26.80 -16.92
C ASN A 102 14.88 27.54 -18.01
N PRO A 103 14.77 28.87 -18.06
CA PRO A 103 15.14 29.58 -19.29
C PRO A 103 16.63 29.80 -19.50
N ASN A 104 17.45 29.67 -18.46
CA ASN A 104 18.87 29.99 -18.59
C ASN A 104 19.72 28.80 -18.96
N GLY A 105 19.14 27.79 -19.60
CA GLY A 105 19.89 26.64 -20.06
C GLY A 105 20.28 25.66 -18.99
N TYR A 106 19.89 25.88 -17.75
CA TYR A 106 20.15 24.97 -16.64
C TYR A 106 18.85 24.69 -15.92
N ALA A 107 18.83 23.58 -15.19
CA ALA A 107 17.65 23.19 -14.43
C ALA A 107 18.05 22.35 -13.25
N ASN A 108 17.35 22.54 -12.13
CA ASN A 108 17.61 21.85 -10.88
C ASN A 108 16.36 21.07 -10.51
N TRP A 109 16.41 19.76 -10.65
CA TRP A 109 15.27 18.90 -10.39
C TRP A 109 15.42 18.27 -9.02
N ASP A 110 14.50 18.59 -8.11
CA ASP A 110 14.45 17.89 -6.83
C ASP A 110 14.06 16.45 -7.09
N ILE A 111 14.94 15.52 -6.68
CA ILE A 111 14.77 14.13 -7.04
C ILE A 111 13.60 13.54 -6.26
N ASP A 112 12.56 13.17 -6.98
CA ASP A 112 11.26 12.87 -6.42
C ASP A 112 10.55 12.08 -7.50
N ILE A 113 10.35 10.78 -7.26
CA ILE A 113 9.81 9.88 -8.27
C ILE A 113 8.29 9.81 -8.14
N THR A 114 7.74 10.63 -7.25
CA THR A 114 6.30 10.71 -7.06
C THR A 114 5.65 11.81 -7.90
N GLY A 115 6.32 12.26 -8.96
CA GLY A 115 5.75 13.27 -9.83
C GLY A 115 5.02 12.67 -11.01
N CYS A 116 5.37 11.44 -11.36
CA CYS A 116 4.72 10.70 -12.43
C CYS A 116 3.94 9.55 -11.81
N ALA A 117 2.64 9.48 -12.15
CA ALA A 117 1.72 8.67 -11.36
C ALA A 117 1.86 7.18 -11.59
N GLN A 118 2.33 6.74 -12.76
CA GLN A 118 2.46 5.31 -12.99
C GLN A 118 3.56 4.71 -12.14
N MET A 119 4.72 5.37 -12.08
CA MET A 119 5.78 4.92 -11.19
C MET A 119 5.38 5.11 -9.74
N ARG A 120 4.71 6.22 -9.43
CA ARG A 120 4.37 6.54 -8.05
C ARG A 120 3.40 5.53 -7.45
N ARG A 121 2.42 5.10 -8.25
CA ARG A 121 1.45 4.13 -7.76
C ARG A 121 2.09 2.76 -7.50
N LYS A 122 3.07 2.38 -8.32
CA LYS A 122 3.77 1.11 -8.09
C LYS A 122 4.60 1.15 -6.82
N VAL A 123 5.25 2.27 -6.54
CA VAL A 123 6.11 2.29 -5.37
C VAL A 123 5.30 2.48 -4.10
N GLU A 124 4.15 3.16 -4.18
CA GLU A 124 3.31 3.39 -3.03
C GLU A 124 2.38 2.22 -2.75
N LEU A 125 2.51 1.15 -3.55
CA LEU A 125 2.05 -0.16 -3.14
C LEU A 125 2.72 -0.59 -1.83
N PHE A 126 3.98 -0.24 -1.67
CA PHE A 126 4.71 -0.50 -0.45
C PHE A 126 4.97 0.79 0.30
N THR A 127 5.17 0.66 1.60
CA THR A 127 5.54 1.81 2.40
C THR A 127 7.03 2.08 2.29
N TYR A 128 7.82 1.05 2.48
CA TYR A 128 9.27 1.15 2.49
C TYR A 128 9.82 0.38 1.31
N MET A 129 10.72 1.01 0.57
CA MET A 129 11.37 0.34 -0.55
C MET A 129 12.85 0.68 -0.51
N ARG A 130 13.69 -0.33 -0.45
CA ARG A 130 15.13 -0.15 -0.56
C ARG A 130 15.56 -0.76 -1.88
N PHE A 131 16.23 0.05 -2.70
CA PHE A 131 16.58 -0.39 -4.04
C PHE A 131 17.77 0.42 -4.52
N ASP A 132 18.59 -0.20 -5.34
CA ASP A 132 19.39 0.57 -6.27
C ASP A 132 18.51 0.95 -7.45
N ALA A 133 18.94 1.95 -8.20
CA ALA A 133 18.12 2.41 -9.30
C ALA A 133 19.00 2.72 -10.50
N GLU A 134 18.64 2.16 -11.64
CA GLU A 134 19.25 2.52 -12.90
C GLU A 134 18.50 3.71 -13.47
N PHE A 135 19.16 4.87 -13.48
CA PHE A 135 18.55 6.11 -13.95
C PHE A 135 18.97 6.33 -15.39
N THR A 136 18.00 6.42 -16.28
CA THR A 136 18.24 6.69 -17.70
C THR A 136 17.64 8.04 -18.04
N PHE A 137 18.44 8.88 -18.69
CA PHE A 137 18.03 10.23 -19.02
C PHE A 137 17.92 10.34 -20.53
N VAL A 138 16.69 10.48 -21.01
CA VAL A 138 16.40 10.52 -22.44
C VAL A 138 16.18 11.98 -22.80
N ALA A 139 17.17 12.59 -23.45
CA ALA A 139 17.10 13.99 -23.81
C ALA A 139 16.78 14.14 -25.29
N CYS A 140 15.89 15.08 -25.60
CA CYS A 140 15.48 15.41 -26.95
C CYS A 140 14.94 16.84 -26.92
N THR A 141 14.37 17.28 -28.04
CA THR A 141 13.66 18.54 -28.11
C THR A 141 12.21 18.33 -27.73
N PRO A 142 11.41 19.41 -27.59
CA PRO A 142 9.95 19.23 -27.53
C PRO A 142 9.34 18.54 -28.75
N THR A 143 9.95 18.64 -29.92
CA THR A 143 9.48 17.87 -31.07
C THR A 143 10.05 16.46 -31.10
N GLY A 144 10.89 16.10 -30.14
CA GLY A 144 11.55 14.81 -30.16
C GLY A 144 12.79 14.74 -31.00
N GLN A 145 13.27 15.87 -31.52
CA GLN A 145 14.43 15.88 -32.38
C GLN A 145 15.70 15.58 -31.59
N VAL A 146 16.63 14.92 -32.25
CA VAL A 146 17.90 14.55 -31.68
C VAL A 146 18.92 15.58 -32.20
N VAL A 147 19.19 16.60 -31.40
CA VAL A 147 19.99 17.73 -31.88
C VAL A 147 21.42 17.58 -31.37
N PRO A 148 22.42 18.15 -32.05
CA PRO A 148 23.80 17.99 -31.54
C PRO A 148 24.12 18.92 -30.37
N GLN A 149 23.64 18.56 -29.20
CA GLN A 149 23.80 19.35 -28.00
C GLN A 149 24.41 18.49 -26.91
N LEU A 150 25.37 19.05 -26.18
CA LEU A 150 26.03 18.37 -25.08
C LEU A 150 25.45 18.85 -23.76
N LEU A 151 25.06 17.91 -22.91
CA LEU A 151 24.47 18.20 -21.61
C LEU A 151 25.38 17.71 -20.50
N GLN A 152 25.28 18.36 -19.35
CA GLN A 152 25.87 17.84 -18.11
C GLN A 152 24.74 17.49 -17.15
N TYR A 153 24.71 16.23 -16.73
CA TYR A 153 23.74 15.75 -15.77
C TYR A 153 24.43 15.63 -14.42
N MET A 154 24.30 16.63 -13.58
CA MET A 154 24.96 16.57 -12.28
C MET A 154 24.00 16.07 -11.21
N PHE A 155 24.37 14.96 -10.58
CA PHE A 155 23.77 14.60 -9.31
C PHE A 155 24.31 15.55 -8.26
N VAL A 156 23.44 16.39 -7.71
CA VAL A 156 23.78 17.28 -6.62
C VAL A 156 23.16 16.72 -5.35
N PRO A 157 23.96 16.07 -4.50
CA PRO A 157 23.44 15.47 -3.28
C PRO A 157 23.05 16.54 -2.26
N PRO A 158 22.31 16.19 -1.20
CA PRO A 158 21.89 17.21 -0.23
C PRO A 158 23.08 17.80 0.51
N GLY A 159 23.14 19.13 0.52
CA GLY A 159 24.25 19.84 1.08
C GLY A 159 25.29 20.26 0.07
N ALA A 160 25.36 19.60 -1.07
CA ALA A 160 26.23 20.02 -2.15
C ALA A 160 25.70 21.31 -2.77
N PRO A 161 26.58 22.16 -3.34
CA PRO A 161 26.10 23.43 -3.92
C PRO A 161 25.22 23.23 -5.13
N ILE A 162 23.95 23.60 -4.99
CA ILE A 162 23.01 23.54 -6.11
C ILE A 162 23.35 24.64 -7.09
N PRO A 163 23.46 24.34 -8.40
CA PRO A 163 23.88 25.36 -9.37
C PRO A 163 22.88 26.49 -9.51
N GLU A 164 23.38 27.71 -9.31
CA GLU A 164 22.57 28.91 -9.42
C GLU A 164 22.38 29.35 -10.86
N SER A 165 23.20 28.86 -11.78
CA SER A 165 23.17 29.30 -13.17
C SER A 165 23.77 28.20 -14.04
N ARG A 166 23.83 28.48 -15.34
CA ARG A 166 24.44 27.54 -16.28
C ARG A 166 25.96 27.61 -16.23
N GLU A 167 26.51 28.78 -15.93
CA GLU A 167 27.95 28.98 -15.81
C GLU A 167 28.42 28.82 -14.37
N SER A 168 27.66 28.12 -13.55
CA SER A 168 27.95 27.98 -12.13
C SER A 168 29.22 27.17 -11.91
N LEU A 169 29.89 27.47 -10.81
CA LEU A 169 31.09 26.72 -10.44
C LEU A 169 30.77 25.35 -9.87
N ALA A 170 29.50 25.07 -9.56
CA ALA A 170 29.11 23.73 -9.15
C ALA A 170 29.31 22.72 -10.27
N TRP A 171 29.18 23.16 -11.52
CA TRP A 171 29.36 22.32 -12.70
C TRP A 171 30.80 21.87 -12.92
N GLN A 172 31.76 22.40 -12.17
CA GLN A 172 33.12 21.89 -12.20
C GLN A 172 33.20 20.46 -11.67
N THR A 173 32.22 20.05 -10.86
CA THR A 173 31.88 18.66 -10.47
C THR A 173 33.09 17.83 -10.02
N ALA A 174 33.95 18.46 -9.21
CA ALA A 174 35.14 17.78 -8.72
C ALA A 174 34.80 16.62 -7.80
N THR A 175 33.65 16.68 -7.15
CA THR A 175 33.21 15.59 -6.30
C THR A 175 31.79 15.12 -6.60
N ASN A 176 30.95 15.98 -7.16
CA ASN A 176 29.61 15.56 -7.55
C ASN A 176 29.69 14.63 -8.75
N PRO A 177 28.83 13.61 -8.83
CA PRO A 177 28.75 12.81 -10.05
C PRO A 177 28.08 13.61 -11.15
N SER A 178 28.75 13.70 -12.29
CA SER A 178 28.18 14.32 -13.46
C SER A 178 28.27 13.38 -14.65
N VAL A 179 27.25 13.42 -15.49
CA VAL A 179 27.27 12.74 -16.77
C VAL A 179 27.32 13.79 -17.86
N PHE A 180 28.39 13.76 -18.64
CA PHE A 180 28.47 14.53 -19.87
C PHE A 180 28.06 13.63 -21.01
N VAL A 181 26.93 13.96 -21.64
CA VAL A 181 26.41 13.15 -22.73
C VAL A 181 25.96 14.12 -23.82
N LYS A 182 25.98 13.64 -25.04
CA LYS A 182 25.33 14.38 -26.11
C LYS A 182 23.90 13.89 -26.26
N LEU A 183 23.08 14.71 -26.90
CA LEU A 183 21.75 14.24 -27.27
C LEU A 183 21.83 13.25 -28.41
N THR A 184 22.86 13.35 -29.25
CA THR A 184 23.08 12.38 -30.31
C THR A 184 23.57 11.05 -29.76
N ASP A 185 24.14 11.04 -28.56
CA ASP A 185 24.46 9.80 -27.89
C ASP A 185 23.18 9.11 -27.44
N PRO A 186 23.24 7.80 -27.21
CA PRO A 186 22.11 7.08 -26.59
C PRO A 186 21.80 7.63 -25.20
N PRO A 187 20.57 7.42 -24.69
CA PRO A 187 20.15 8.07 -23.43
C PRO A 187 21.02 7.68 -22.25
N ALA A 188 21.59 8.70 -21.61
CA ALA A 188 22.58 8.52 -20.56
C ALA A 188 22.03 7.72 -19.40
N GLN A 189 22.74 6.66 -19.03
CA GLN A 189 22.22 5.64 -18.13
C GLN A 189 23.24 5.35 -17.05
N VAL A 190 22.83 5.52 -15.80
CA VAL A 190 23.71 5.30 -14.66
C VAL A 190 22.96 4.52 -13.58
N SER A 191 23.70 3.71 -12.84
CA SER A 191 23.18 3.09 -11.64
C SER A 191 23.42 4.02 -10.46
N VAL A 192 22.36 4.38 -9.76
CA VAL A 192 22.53 5.07 -8.50
C VAL A 192 22.39 4.00 -7.43
N PRO A 193 23.02 4.16 -6.28
CA PRO A 193 22.84 3.18 -5.21
C PRO A 193 21.62 3.53 -4.36
N PHE A 194 21.33 2.64 -3.44
CA PHE A 194 20.42 3.01 -2.36
C PHE A 194 21.14 4.01 -1.46
N MET A 195 20.74 5.27 -1.53
CA MET A 195 21.53 6.34 -0.93
C MET A 195 20.91 6.92 0.33
N SER A 196 19.92 6.27 0.89
CA SER A 196 19.24 6.90 2.01
C SER A 196 20.03 6.74 3.30
N PRO A 197 19.95 7.71 4.21
CA PRO A 197 20.42 7.47 5.58
C PRO A 197 19.60 6.45 6.32
N ALA A 198 18.35 6.24 5.92
CA ALA A 198 17.50 5.17 6.39
C ALA A 198 17.88 3.85 5.71
N SER A 199 17.32 2.77 6.21
CA SER A 199 17.51 1.46 5.59
C SER A 199 16.53 1.19 4.46
N ALA A 200 15.55 2.06 4.26
CA ALA A 200 14.69 1.99 3.09
C ALA A 200 14.24 3.41 2.76
N TYR A 201 13.87 3.63 1.51
CA TYR A 201 13.16 4.84 1.19
C TYR A 201 11.75 4.76 1.74
N GLN A 202 11.10 5.91 1.82
CA GLN A 202 9.87 6.05 2.60
C GLN A 202 8.90 6.88 1.78
N TRP A 203 8.03 6.21 1.02
CA TRP A 203 7.00 6.92 0.28
C TRP A 203 5.92 7.47 1.19
N PHE A 204 5.86 6.99 2.42
CA PHE A 204 4.91 7.44 3.41
C PHE A 204 5.67 7.64 4.71
N TYR A 205 5.73 8.89 5.16
CA TYR A 205 6.37 9.23 6.43
C TYR A 205 5.28 9.87 7.27
N ASP A 206 4.64 9.06 8.11
CA ASP A 206 3.62 9.62 8.99
C ASP A 206 4.29 10.40 10.10
N GLY A 207 4.60 11.65 9.84
CA GLY A 207 5.20 12.47 10.86
C GLY A 207 5.88 13.68 10.25
N TYR A 208 6.77 14.26 11.06
CA TYR A 208 7.41 15.52 10.76
C TYR A 208 8.91 15.32 10.83
N PRO A 209 9.67 16.08 10.04
CA PRO A 209 11.13 15.95 10.12
C PRO A 209 11.68 16.55 11.41
N THR A 210 11.21 17.76 11.71
CA THR A 210 11.75 18.54 12.80
C THR A 210 10.83 18.48 14.01
N PHE A 211 11.28 19.07 15.11
CA PHE A 211 10.50 19.16 16.32
C PHE A 211 9.81 20.52 16.38
N GLY A 212 9.13 20.77 17.49
CA GLY A 212 8.55 22.07 17.73
C GLY A 212 7.05 22.09 17.48
N GLU A 213 6.50 23.30 17.56
CA GLU A 213 5.07 23.51 17.37
C GLU A 213 4.74 23.34 15.90
N HIS A 214 4.04 22.25 15.57
CA HIS A 214 3.67 21.95 14.20
C HIS A 214 2.41 22.76 13.85
N LYS A 215 2.64 24.02 13.53
CA LYS A 215 1.58 24.96 13.19
C LYS A 215 1.30 24.90 11.69
N GLN A 216 0.23 25.58 11.27
CA GLN A 216 -0.28 25.36 9.92
C GLN A 216 0.47 26.14 8.84
N GLU A 217 1.32 27.11 9.19
CA GLU A 217 2.12 27.69 8.14
C GLU A 217 3.32 26.82 7.76
N LYS A 218 3.64 25.79 8.55
CA LYS A 218 4.52 24.72 8.12
C LYS A 218 3.88 23.34 8.28
N ASP A 219 2.63 23.18 7.85
CA ASP A 219 2.10 21.82 7.70
C ASP A 219 2.66 21.10 6.50
N LEU A 220 3.35 21.80 5.59
CA LEU A 220 3.95 21.14 4.43
C LEU A 220 5.11 20.23 4.79
N GLU A 221 5.65 20.36 6.01
CA GLU A 221 6.65 19.43 6.49
C GLU A 221 6.06 18.08 6.83
N TYR A 222 4.75 17.98 6.99
CA TYR A 222 4.12 16.69 7.26
C TYR A 222 4.23 15.78 6.06
N GLY A 223 4.74 14.57 6.28
CA GLY A 223 4.99 13.64 5.21
C GLY A 223 6.36 13.75 4.60
N ALA A 224 7.07 14.86 4.83
CA ALA A 224 8.37 15.11 4.23
C ALA A 224 9.41 14.27 4.95
N CYS A 225 9.83 13.18 4.31
CA CYS A 225 10.90 12.35 4.85
C CYS A 225 12.22 12.83 4.25
N PRO A 226 13.13 13.39 5.05
CA PRO A 226 14.45 13.75 4.51
C PRO A 226 15.33 12.55 4.22
N ASN A 227 14.95 11.36 4.70
CA ASN A 227 15.56 10.11 4.26
C ASN A 227 15.16 9.73 2.84
N ASN A 228 14.25 10.47 2.23
CA ASN A 228 13.90 10.31 0.84
C ASN A 228 14.46 11.40 -0.05
N MET A 229 14.77 12.57 0.52
CA MET A 229 15.32 13.68 -0.23
C MET A 229 16.79 13.37 -0.54
N MET A 230 17.03 12.84 -1.72
CA MET A 230 18.35 12.40 -2.12
C MET A 230 19.11 13.47 -2.86
N GLY A 231 18.57 14.68 -2.93
CA GLY A 231 19.27 15.79 -3.50
C GLY A 231 18.60 16.31 -4.75
N THR A 232 19.40 16.99 -5.56
CA THR A 232 18.92 17.66 -6.75
C THR A 232 19.57 17.01 -7.95
N PHE A 233 18.78 16.63 -8.93
CA PHE A 233 19.32 16.30 -10.23
C PHE A 233 19.48 17.60 -11.02
N SER A 234 20.70 17.93 -11.38
CA SER A 234 21.00 19.18 -12.06
C SER A 234 21.40 18.89 -13.50
N VAL A 235 20.74 19.57 -14.43
CA VAL A 235 21.01 19.45 -15.85
C VAL A 235 21.28 20.84 -16.41
N ARG A 236 22.37 20.98 -17.16
CA ARG A 236 22.62 22.17 -17.94
C ARG A 236 23.07 21.79 -19.33
N THR A 237 22.99 22.75 -20.23
CA THR A 237 23.72 22.69 -21.48
C THR A 237 25.13 23.16 -21.19
N VAL A 238 26.12 22.42 -21.65
CA VAL A 238 27.50 22.71 -21.25
C VAL A 238 28.02 23.84 -22.11
N GLY A 239 27.80 25.07 -21.66
CA GLY A 239 28.29 26.19 -22.43
C GLY A 239 28.19 27.54 -21.75
N SER A 240 29.09 28.44 -22.10
CA SER A 240 29.03 29.82 -21.64
C SER A 240 27.99 30.63 -22.39
N SER A 241 27.53 30.16 -23.54
CA SER A 241 26.45 30.78 -24.28
C SER A 241 25.19 29.95 -24.14
N LYS A 242 24.07 30.60 -24.43
CA LYS A 242 22.77 29.94 -24.35
C LYS A 242 22.63 28.93 -25.49
N SER A 243 22.08 27.77 -25.18
CA SER A 243 21.98 26.68 -26.14
C SER A 243 21.06 27.03 -27.31
N LYS A 244 21.29 26.36 -28.43
CA LYS A 244 20.58 26.66 -29.67
C LYS A 244 19.25 25.93 -29.77
N TYR A 245 19.02 24.94 -28.91
CA TYR A 245 17.85 24.08 -29.00
C TYR A 245 17.09 24.08 -27.70
N ALA A 246 15.76 24.11 -27.80
CA ALA A 246 14.92 23.79 -26.66
C ALA A 246 15.03 22.31 -26.37
N LEU A 247 15.22 21.96 -25.10
CA LEU A 247 15.54 20.58 -24.74
C LEU A 247 14.56 20.06 -23.71
N VAL A 248 14.27 18.77 -23.81
CA VAL A 248 13.47 18.05 -22.83
C VAL A 248 14.28 16.85 -22.36
N VAL A 249 14.64 16.85 -21.08
CA VAL A 249 15.33 15.72 -20.48
C VAL A 249 14.29 14.89 -19.73
N ARG A 250 14.00 13.71 -20.25
CA ARG A 250 13.09 12.78 -19.61
C ARG A 250 13.89 11.77 -18.80
N ILE A 251 13.51 11.61 -17.54
CA ILE A 251 14.27 10.80 -16.60
C ILE A 251 13.53 9.49 -16.39
N TYR A 252 14.22 8.38 -16.64
CA TYR A 252 13.63 7.06 -16.52
C TYR A 252 14.41 6.28 -15.47
N MET A 253 13.70 5.80 -14.46
CA MET A 253 14.32 5.11 -13.34
C MET A 253 13.92 3.65 -13.37
N ARG A 254 14.92 2.77 -13.46
CA ARG A 254 14.72 1.34 -13.36
C ARG A 254 15.30 0.90 -12.02
N MET A 255 14.43 0.52 -11.09
CA MET A 255 14.89 0.04 -9.80
C MET A 255 15.50 -1.35 -9.95
N LYS A 256 16.45 -1.64 -9.08
CA LYS A 256 17.08 -2.94 -9.10
C LYS A 256 17.60 -3.26 -7.71
N HIS A 257 17.72 -4.56 -7.44
CA HIS A 257 18.00 -5.11 -6.11
C HIS A 257 16.96 -4.57 -5.13
N VAL A 258 15.70 -4.77 -5.48
CA VAL A 258 14.59 -4.16 -4.78
C VAL A 258 14.23 -5.00 -3.57
N ARG A 259 14.20 -4.37 -2.42
CA ARG A 259 13.52 -4.92 -1.25
C ARG A 259 12.43 -3.95 -0.85
N ALA A 260 11.27 -4.48 -0.52
CA ALA A 260 10.13 -3.65 -0.21
C ALA A 260 9.41 -4.23 1.01
N TRP A 261 8.97 -3.33 1.87
CA TRP A 261 8.31 -3.72 3.10
C TRP A 261 6.95 -3.05 3.16
N ILE A 262 6.06 -3.70 3.91
CA ILE A 262 4.75 -3.17 4.31
C ILE A 262 3.91 -2.84 3.08
N PRO A 263 3.27 -3.84 2.48
CA PRO A 263 2.32 -3.58 1.41
C PRO A 263 1.17 -2.70 1.89
N ARG A 264 0.80 -1.76 1.04
CA ARG A 264 -0.21 -0.76 1.30
C ARG A 264 -1.35 -0.92 0.30
N PRO A 265 -2.52 -0.38 0.59
CA PRO A 265 -3.54 -0.21 -0.44
C PRO A 265 -3.05 0.62 -1.62
N MET A 266 -3.25 0.09 -2.82
CA MET A 266 -2.85 0.80 -4.03
C MET A 266 -3.77 1.99 -4.25
N ARG A 267 -3.17 3.17 -4.42
CA ARG A 267 -3.87 4.46 -4.50
C ARG A 267 -5.00 4.46 -5.52
N ASN A 268 -6.21 4.68 -5.03
CA ASN A 268 -7.40 4.60 -5.87
C ASN A 268 -7.97 5.97 -6.20
N GLN A 269 -7.28 7.04 -5.81
CA GLN A 269 -7.65 8.40 -6.17
C GLN A 269 -6.62 8.98 -7.12
N ASN A 270 -6.97 10.09 -7.74
CA ASN A 270 -6.01 10.82 -8.55
C ASN A 270 -4.96 11.45 -7.65
N TYR A 271 -3.70 11.20 -7.95
CA TYR A 271 -2.61 11.92 -7.30
C TYR A 271 -2.68 13.39 -7.67
N LEU A 272 -2.45 14.24 -6.71
CA LEU A 272 -2.53 15.67 -6.96
C LEU A 272 -1.21 16.40 -6.72
N PHE A 273 -0.48 16.03 -5.68
CA PHE A 273 0.78 16.68 -5.34
C PHE A 273 1.81 15.61 -5.02
N LYS A 274 3.08 15.95 -5.21
CA LYS A 274 4.14 14.96 -5.14
C LYS A 274 4.44 14.52 -3.72
N ALA A 275 4.35 15.44 -2.76
CA ALA A 275 4.85 15.18 -1.42
C ALA A 275 3.81 14.56 -0.49
N ASN A 276 2.54 14.59 -0.85
CA ASN A 276 1.47 14.22 0.07
C ASN A 276 0.51 13.24 -0.61
N PRO A 277 -0.23 12.45 0.18
CA PRO A 277 -1.25 11.57 -0.40
C PRO A 277 -2.60 12.23 -0.60
N ASN A 278 -2.65 13.56 -0.69
CA ASN A 278 -3.89 14.31 -0.86
C ASN A 278 -4.68 13.85 -2.08
N TYR A 279 -5.99 13.92 -1.94
CA TYR A 279 -6.96 13.46 -2.92
C TYR A 279 -8.01 14.54 -3.07
N ALA A 280 -8.67 14.57 -4.22
CA ALA A 280 -9.72 15.55 -4.46
C ALA A 280 -10.95 15.19 -3.63
N GLY A 281 -11.34 16.08 -2.73
CA GLY A 281 -12.37 15.76 -1.75
C GLY A 281 -13.77 15.69 -2.30
N ASP A 282 -14.13 16.58 -3.22
CA ASP A 282 -15.44 16.46 -3.85
C ASP A 282 -15.44 15.49 -5.03
N SER A 283 -14.27 15.04 -5.46
CA SER A 283 -14.14 14.15 -6.60
C SER A 283 -13.58 12.81 -6.18
N ILE A 284 -14.06 12.28 -5.05
CA ILE A 284 -13.62 10.98 -4.57
C ILE A 284 -14.27 9.91 -5.44
N LYS A 285 -13.50 9.37 -6.35
CA LYS A 285 -14.01 8.32 -7.20
C LYS A 285 -13.98 6.98 -6.47
N PRO A 286 -14.85 6.05 -6.85
CA PRO A 286 -14.70 4.68 -6.34
C PRO A 286 -13.42 4.04 -6.83
N THR A 287 -13.01 2.97 -6.13
CA THR A 287 -11.81 2.24 -6.50
C THR A 287 -11.96 1.60 -7.87
N GLY A 288 -13.16 1.16 -8.20
CA GLY A 288 -13.40 0.63 -9.52
C GLY A 288 -14.64 1.17 -10.20
N THR A 289 -15.01 0.52 -11.31
CA THR A 289 -16.20 0.90 -12.03
C THR A 289 -17.44 0.38 -11.31
N SER A 290 -18.59 0.78 -11.80
CA SER A 290 -19.84 0.55 -11.11
C SER A 290 -20.86 -0.10 -12.04
N ARG A 291 -22.07 -0.27 -11.52
CA ARG A 291 -23.17 -0.85 -12.26
C ARG A 291 -24.49 -0.38 -11.67
N ASN A 292 -25.58 -0.67 -12.38
CA ASN A 292 -26.90 -0.23 -11.97
C ASN A 292 -27.42 -1.00 -10.77
N ALA A 293 -27.20 -2.31 -10.72
CA ALA A 293 -27.71 -3.13 -9.65
C ALA A 293 -26.70 -4.21 -9.31
N ILE A 294 -26.83 -4.75 -8.11
CA ILE A 294 -25.94 -5.81 -7.67
C ILE A 294 -26.40 -7.17 -8.17
N THR A 295 -27.67 -7.31 -8.53
CA THR A 295 -28.18 -8.58 -9.03
C THR A 295 -27.91 -8.76 -10.52
N THR A 296 -27.57 -7.69 -11.22
CA THR A 296 -27.22 -7.74 -12.63
C THR A 296 -25.72 -7.53 -12.76
N LEU A 297 -25.24 -7.47 -13.99
CA LEU A 297 -23.83 -7.28 -14.25
C LEU A 297 -23.51 -5.83 -14.59
N HIS B 13 37.12 -8.00 -6.18
CA HIS B 13 37.10 -7.10 -7.32
C HIS B 13 35.97 -6.10 -7.24
N GLU B 14 35.12 -6.26 -6.24
CA GLU B 14 33.82 -5.60 -6.24
C GLU B 14 33.41 -5.23 -4.83
N ASN B 15 32.98 -3.97 -4.65
CA ASN B 15 32.36 -3.56 -3.40
C ASN B 15 31.04 -4.29 -3.23
N SER B 16 30.82 -4.87 -2.05
CA SER B 16 29.55 -5.52 -1.75
C SER B 16 28.58 -4.45 -1.26
N ASN B 17 28.01 -3.72 -2.21
CA ASN B 17 27.29 -2.50 -1.87
C ASN B 17 26.01 -2.32 -2.66
N SER B 18 25.37 -3.42 -3.06
CA SER B 18 24.03 -3.31 -3.60
C SER B 18 23.02 -3.18 -2.47
N ALA B 19 21.77 -2.93 -2.84
CA ALA B 19 20.73 -2.76 -1.84
C ALA B 19 20.31 -4.08 -1.21
N THR B 20 20.62 -5.21 -1.83
CA THR B 20 20.24 -6.52 -1.32
C THR B 20 21.42 -7.29 -0.73
N GLU B 21 22.46 -6.60 -0.28
CA GLU B 21 23.64 -7.28 0.26
C GLU B 21 23.31 -7.90 1.61
N GLY B 22 22.65 -7.15 2.48
CA GLY B 22 22.31 -7.69 3.77
C GLY B 22 21.14 -8.66 3.79
N SER B 23 20.47 -8.86 2.66
CA SER B 23 19.33 -9.76 2.62
C SER B 23 19.78 -11.21 2.56
N THR B 24 18.83 -12.10 2.85
CA THR B 24 19.06 -13.54 2.87
C THR B 24 18.83 -14.20 1.53
N ILE B 25 18.72 -13.41 0.46
CA ILE B 25 18.34 -13.91 -0.86
C ILE B 25 19.56 -13.81 -1.77
N ASN B 26 19.88 -14.92 -2.43
CA ASN B 26 20.98 -14.96 -3.38
C ASN B 26 20.53 -14.43 -4.74
N TYR B 27 21.40 -13.64 -5.37
CA TYR B 27 21.12 -13.03 -6.66
C TYR B 27 22.24 -13.38 -7.63
N THR B 28 21.87 -13.98 -8.75
CA THR B 28 22.79 -14.14 -9.88
C THR B 28 22.61 -12.93 -10.78
N THR B 29 23.58 -12.03 -10.73
CA THR B 29 23.56 -10.79 -11.49
C THR B 29 24.77 -10.73 -12.41
N ILE B 30 24.72 -9.79 -13.34
CA ILE B 30 25.85 -9.46 -14.19
C ILE B 30 26.34 -8.09 -13.76
N ASN B 31 27.65 -7.95 -13.55
CA ASN B 31 28.22 -6.66 -13.26
C ASN B 31 29.53 -6.51 -14.03
N TYR B 32 29.84 -5.26 -14.37
CA TYR B 32 31.09 -4.93 -15.01
C TYR B 32 31.87 -3.88 -14.26
N TYR B 33 31.38 -3.44 -13.12
CA TYR B 33 32.00 -2.39 -12.32
C TYR B 33 32.29 -2.93 -10.93
N LYS B 34 33.06 -2.17 -10.17
CA LYS B 34 33.44 -2.58 -8.83
C LYS B 34 32.36 -2.31 -7.79
N ASP B 35 31.20 -1.80 -8.20
CA ASP B 35 30.08 -1.57 -7.32
C ASP B 35 29.02 -2.62 -7.59
N SER B 36 28.57 -3.31 -6.53
CA SER B 36 27.53 -4.32 -6.68
C SER B 36 26.18 -3.68 -7.02
N TYR B 37 25.99 -2.40 -6.69
CA TYR B 37 24.75 -1.74 -7.05
C TYR B 37 24.68 -1.43 -8.54
N ALA B 38 25.82 -1.41 -9.23
CA ALA B 38 25.85 -1.22 -10.66
C ALA B 38 25.39 -2.44 -11.44
N ALA B 39 25.24 -3.58 -10.76
CA ALA B 39 24.92 -4.84 -11.42
C ALA B 39 23.51 -4.82 -11.98
N THR B 40 23.20 -5.87 -12.73
CA THR B 40 21.85 -6.11 -13.20
C THR B 40 20.92 -6.40 -12.02
N ALA B 41 19.62 -6.31 -12.29
CA ALA B 41 18.65 -6.81 -11.31
C ALA B 41 18.80 -8.32 -11.16
N GLY B 42 19.06 -9.01 -12.26
CA GLY B 42 19.26 -10.44 -12.26
C GLY B 42 18.00 -11.20 -11.89
N LYS B 43 18.21 -12.42 -11.42
CA LYS B 43 17.13 -13.26 -10.96
C LYS B 43 17.57 -13.93 -9.67
N GLN B 44 16.59 -14.35 -8.87
CA GLN B 44 16.89 -15.01 -7.61
C GLN B 44 17.16 -16.49 -7.83
N SER B 45 17.73 -17.12 -6.81
CA SER B 45 18.15 -18.53 -6.77
C SER B 45 19.05 -18.91 -7.95
N ALA B 83 -8.88 -16.58 27.98
CA ALA B 83 -7.54 -16.22 27.56
C ALA B 83 -7.16 -14.84 28.09
N GLN B 84 -6.35 -14.82 29.15
CA GLN B 84 -6.01 -13.59 29.86
C GLN B 84 -4.61 -13.14 29.48
N LEU B 85 -4.53 -12.10 28.65
CA LEU B 85 -3.25 -11.52 28.29
C LEU B 85 -2.82 -10.46 29.28
N THR B 86 -1.62 -10.65 29.82
CA THR B 86 -1.08 -9.83 30.89
C THR B 86 0.25 -9.26 30.45
N ILE B 87 0.39 -7.94 30.53
CA ILE B 87 1.70 -7.30 30.42
C ILE B 87 1.72 -6.13 31.39
N GLY B 88 2.84 -5.96 32.08
CA GLY B 88 2.91 -4.95 33.12
C GLY B 88 2.05 -5.32 34.31
N ASN B 89 1.34 -4.33 34.84
CA ASN B 89 0.36 -4.55 35.89
C ASN B 89 -1.06 -4.67 35.34
N SER B 90 -1.19 -5.02 34.08
CA SER B 90 -2.46 -4.91 33.38
C SER B 90 -2.84 -6.23 32.73
N THR B 91 -4.14 -6.48 32.62
CA THR B 91 -4.67 -7.73 32.08
C THR B 91 -5.88 -7.41 31.23
N ILE B 92 -5.94 -8.01 30.04
CA ILE B 92 -7.11 -7.93 29.18
C ILE B 92 -7.71 -9.32 29.05
N THR B 93 -8.82 -9.43 28.30
CA THR B 93 -9.47 -10.69 28.04
C THR B 93 -9.64 -10.82 26.52
N THR B 94 -9.24 -11.97 25.99
CA THR B 94 -9.24 -12.22 24.54
C THR B 94 -9.89 -13.57 24.21
N GLN B 95 -10.94 -13.90 24.97
CA GLN B 95 -11.68 -15.13 24.77
C GLN B 95 -12.46 -15.10 23.45
N GLU B 96 -13.05 -13.96 23.12
CA GLU B 96 -13.82 -13.80 21.89
C GLU B 96 -13.06 -12.85 20.97
N ALA B 97 -12.05 -13.37 20.27
CA ALA B 97 -11.36 -12.66 19.20
C ALA B 97 -11.00 -13.57 18.03
N ALA B 98 -11.06 -14.90 18.22
CA ALA B 98 -10.84 -16.01 17.29
C ALA B 98 -9.39 -16.23 16.90
N ASN B 99 -8.50 -15.27 17.22
CA ASN B 99 -7.06 -15.36 17.35
C ASN B 99 -6.56 -13.96 17.68
N ILE B 100 -5.27 -13.86 17.96
CA ILE B 100 -4.58 -12.60 18.10
C ILE B 100 -3.70 -12.39 16.88
N ILE B 101 -3.88 -11.27 16.21
CA ILE B 101 -3.13 -10.98 14.99
C ILE B 101 -1.75 -10.47 15.37
N VAL B 102 -0.73 -11.20 14.96
CA VAL B 102 0.63 -10.73 15.06
C VAL B 102 0.98 -10.03 13.76
N GLY B 103 1.29 -8.74 13.85
CA GLY B 103 1.56 -7.92 12.68
C GLY B 103 2.75 -8.40 11.88
N TYR B 104 2.47 -8.84 10.64
CA TYR B 104 3.45 -9.37 9.69
C TYR B 104 4.16 -10.60 10.22
N GLY B 105 3.49 -11.35 11.11
CA GLY B 105 4.07 -12.53 11.71
C GLY B 105 5.26 -12.27 12.61
N GLU B 106 5.45 -11.04 13.06
CA GLU B 106 6.64 -10.65 13.80
C GLU B 106 6.26 -10.14 15.18
N TRP B 107 6.78 -10.83 16.19
CA TRP B 107 6.63 -10.39 17.55
C TRP B 107 7.44 -9.12 17.78
N PRO B 108 6.96 -8.21 18.62
CA PRO B 108 7.72 -7.00 18.91
C PRO B 108 8.94 -7.27 19.78
N SER B 109 10.04 -7.63 19.15
CA SER B 109 11.28 -7.84 19.88
C SER B 109 11.90 -6.49 20.23
N TYR B 110 12.94 -6.54 21.06
CA TYR B 110 13.81 -5.39 21.27
C TYR B 110 14.69 -5.18 20.05
N CYS B 111 15.41 -4.07 20.06
CA CYS B 111 16.26 -3.72 18.93
C CYS B 111 17.47 -4.66 18.88
N SER B 112 17.70 -5.25 17.72
CA SER B 112 18.88 -6.08 17.53
C SER B 112 20.14 -5.21 17.53
N ASP B 113 21.21 -5.74 18.10
CA ASP B 113 22.47 -5.02 18.15
C ASP B 113 23.12 -4.89 16.78
N ASP B 114 22.83 -5.82 15.87
CA ASP B 114 23.20 -5.63 14.46
C ASP B 114 22.39 -4.50 13.83
N ASP B 115 21.18 -4.29 14.32
CA ASP B 115 20.20 -3.40 13.71
C ASP B 115 20.21 -1.99 14.27
N ALA B 116 20.80 -1.77 15.44
CA ALA B 116 20.79 -0.46 16.06
C ALA B 116 21.95 0.38 15.58
N THR B 117 21.80 1.71 15.69
CA THR B 117 22.89 2.60 15.33
C THR B 117 23.31 3.46 16.52
N ALA B 118 22.37 3.81 17.39
CA ALA B 118 22.64 4.76 18.46
C ALA B 118 23.50 4.12 19.53
N VAL B 119 24.63 4.75 19.84
CA VAL B 119 25.59 4.13 20.75
C VAL B 119 25.23 4.29 22.21
N ASP B 120 24.28 5.16 22.53
CA ASP B 120 23.88 5.30 23.92
C ASP B 120 23.03 4.10 24.34
N LYS B 121 23.18 3.72 25.60
CA LYS B 121 22.47 2.57 26.14
C LYS B 121 20.99 2.92 26.27
N PRO B 122 20.09 2.21 25.58
CA PRO B 122 18.67 2.54 25.70
C PRO B 122 18.07 2.00 26.98
N THR B 123 17.11 2.74 27.51
CA THR B 123 16.39 2.29 28.69
C THR B 123 15.23 1.41 28.28
N ARG B 124 14.99 0.38 29.07
CA ARG B 124 13.88 -0.55 28.86
C ARG B 124 13.16 -0.65 30.20
N PRO B 125 12.14 0.17 30.42
CA PRO B 125 11.45 0.16 31.72
C PRO B 125 10.65 -1.11 31.99
N ASP B 126 10.19 -1.78 30.93
CA ASP B 126 9.83 -3.19 30.86
C ASP B 126 8.53 -3.58 31.57
N VAL B 127 8.08 -2.79 32.53
CA VAL B 127 6.80 -3.06 33.21
C VAL B 127 6.00 -1.76 33.26
N SER B 128 6.67 -0.67 33.62
CA SER B 128 6.03 0.61 33.84
C SER B 128 5.59 1.26 32.54
N VAL B 129 6.21 0.89 31.42
CA VAL B 129 5.79 1.37 30.12
C VAL B 129 5.22 0.25 29.25
N ASN B 130 5.54 -1.01 29.54
CA ASN B 130 5.08 -2.15 28.76
C ASN B 130 3.91 -2.75 29.50
N ARG B 131 2.72 -2.27 29.18
CA ARG B 131 1.51 -2.48 29.95
C ARG B 131 0.35 -1.96 29.14
N PHE B 132 -0.85 -2.46 29.43
CA PHE B 132 -2.02 -2.06 28.67
C PHE B 132 -2.45 -0.66 29.05
N TYR B 133 -2.58 0.21 28.06
CA TYR B 133 -3.02 1.57 28.24
C TYR B 133 -4.36 1.73 27.57
N THR B 134 -5.38 2.09 28.34
CA THR B 134 -6.73 2.23 27.84
C THR B 134 -6.99 3.69 27.48
N LEU B 135 -7.37 3.93 26.23
CA LEU B 135 -7.73 5.27 25.79
C LEU B 135 -9.19 5.54 26.09
N ASP B 136 -9.62 6.77 25.83
CA ASP B 136 -11.02 7.11 25.95
C ASP B 136 -11.81 6.43 24.84
N THR B 137 -13.05 6.06 25.16
CA THR B 137 -13.86 5.27 24.25
C THR B 137 -14.37 6.12 23.10
N LYS B 138 -14.54 5.47 21.96
CA LYS B 138 -15.27 6.03 20.84
C LYS B 138 -16.61 5.31 20.77
N LEU B 139 -17.68 6.08 20.60
CA LEU B 139 -19.02 5.51 20.54
C LEU B 139 -19.29 5.10 19.10
N TRP B 140 -19.32 3.80 18.84
CA TRP B 140 -19.81 3.29 17.58
C TRP B 140 -21.30 3.63 17.47
N GLU B 141 -21.65 4.28 16.37
CA GLU B 141 -23.00 4.73 16.08
C GLU B 141 -23.43 4.13 14.76
N LYS B 142 -24.68 4.39 14.37
CA LYS B 142 -25.12 3.94 13.06
C LYS B 142 -24.48 4.76 11.94
N SER B 143 -24.10 6.01 12.24
CA SER B 143 -23.48 6.90 11.28
C SER B 143 -21.99 7.08 11.53
N SER B 144 -21.37 6.17 12.28
CA SER B 144 -19.94 6.25 12.55
C SER B 144 -19.16 5.98 11.29
N LYS B 145 -18.40 6.97 10.84
CA LYS B 145 -17.60 6.79 9.63
C LYS B 145 -16.37 5.96 9.92
N GLY B 146 -15.77 6.12 11.09
CA GLY B 146 -14.54 5.44 11.42
C GLY B 146 -13.57 6.38 12.10
N TRP B 147 -12.61 5.83 12.84
CA TRP B 147 -11.65 6.64 13.56
C TRP B 147 -10.26 6.09 13.30
N TYR B 148 -9.26 6.93 13.56
CA TYR B 148 -7.91 6.44 13.55
C TYR B 148 -7.15 6.97 14.76
N TRP B 149 -6.08 6.25 15.09
CA TRP B 149 -5.20 6.57 16.19
C TRP B 149 -3.77 6.41 15.71
N LYS B 150 -2.93 7.40 15.98
CA LYS B 150 -1.55 7.37 15.53
C LYS B 150 -0.64 6.96 16.66
N PHE B 151 0.44 6.26 16.32
CA PHE B 151 1.23 5.55 17.29
C PHE B 151 2.71 5.91 17.20
N PRO B 152 3.35 6.26 18.31
CA PRO B 152 2.79 6.17 19.67
C PRO B 152 2.23 7.49 20.15
N ASP B 153 1.70 8.29 19.22
CA ASP B 153 1.14 9.62 19.54
C ASP B 153 -0.02 9.52 20.53
N VAL B 154 -0.76 8.42 20.51
CA VAL B 154 -1.79 8.13 21.50
C VAL B 154 -1.22 8.07 22.91
N LEU B 155 0.05 7.67 23.04
CA LEU B 155 0.60 7.35 24.33
C LEU B 155 1.79 8.21 24.71
N THR B 156 2.07 9.27 23.96
CA THR B 156 3.13 10.18 24.33
C THR B 156 2.75 11.12 25.47
N GLU B 157 1.48 11.11 25.90
CA GLU B 157 1.03 11.92 27.01
C GLU B 157 0.45 11.09 28.15
N THR B 158 0.76 9.80 28.21
CA THR B 158 0.10 8.89 29.14
C THR B 158 1.11 7.95 29.77
N GLY B 159 1.17 7.96 31.10
CA GLY B 159 1.97 7.00 31.82
C GLY B 159 3.44 7.33 31.81
N VAL B 160 4.23 6.34 32.25
CA VAL B 160 5.67 6.47 32.18
C VAL B 160 6.14 6.33 30.74
N PHE B 161 5.35 5.65 29.91
CA PHE B 161 5.63 5.61 28.48
C PHE B 161 5.59 7.00 27.87
N GLY B 162 4.60 7.81 28.28
CA GLY B 162 4.54 9.18 27.81
C GLY B 162 5.71 10.00 28.28
N GLN B 163 6.18 9.76 29.50
CA GLN B 163 7.33 10.48 30.00
C GLN B 163 8.61 9.99 29.35
N ASN B 164 8.73 8.68 29.13
CA ASN B 164 9.89 8.15 28.44
C ASN B 164 9.92 8.57 26.98
N ALA B 165 8.75 8.74 26.36
CA ALA B 165 8.68 9.29 25.02
C ALA B 165 9.08 10.75 25.00
N GLN B 166 8.69 11.49 26.04
CA GLN B 166 8.99 12.92 26.09
C GLN B 166 10.44 13.17 26.46
N PHE B 167 10.99 12.38 27.38
CA PHE B 167 12.34 12.61 27.88
C PHE B 167 13.41 12.08 26.94
N HIS B 168 13.07 11.15 26.07
CA HIS B 168 14.04 10.58 25.16
C HIS B 168 13.77 11.02 23.74
N TYR B 169 14.85 11.32 23.02
CA TYR B 169 14.74 11.60 21.59
C TYR B 169 14.33 10.35 20.85
N LEU B 170 14.93 9.22 21.18
CA LEU B 170 14.69 7.99 20.45
C LEU B 170 13.68 7.12 21.18
N TYR B 171 12.90 6.42 20.38
CA TYR B 171 11.85 5.56 20.86
C TYR B 171 11.81 4.34 19.95
N ARG B 172 11.63 3.17 20.53
CA ARG B 172 11.29 2.00 19.75
C ARG B 172 10.39 1.11 20.57
N SER B 173 9.19 0.82 20.07
CA SER B 173 8.37 -0.23 20.64
C SER B 173 7.50 -0.82 19.57
N GLY B 174 7.17 -2.08 19.75
CA GLY B 174 5.99 -2.62 19.13
C GLY B 174 4.77 -2.37 19.98
N PHE B 175 3.65 -2.92 19.55
CA PHE B 175 2.40 -2.63 20.23
C PHE B 175 1.49 -3.85 20.24
N CYS B 176 0.94 -4.15 21.41
CA CYS B 176 -0.21 -5.03 21.54
C CYS B 176 -1.43 -4.11 21.61
N ILE B 177 -2.25 -4.14 20.58
CA ILE B 177 -3.40 -3.27 20.47
C ILE B 177 -4.65 -4.10 20.66
N HIS B 178 -5.33 -3.86 21.76
CA HIS B 178 -6.60 -4.49 22.07
C HIS B 178 -7.67 -3.46 21.73
N VAL B 179 -8.40 -3.71 20.66
CA VAL B 179 -9.57 -2.91 20.33
C VAL B 179 -10.78 -3.74 20.69
N GLN B 180 -11.57 -3.25 21.63
CA GLN B 180 -12.70 -4.01 22.13
C GLN B 180 -13.99 -3.23 21.90
N CYS B 181 -15.04 -3.97 21.56
CA CYS B 181 -16.34 -3.37 21.29
C CYS B 181 -17.41 -4.36 21.70
N ASN B 182 -17.98 -4.17 22.88
CA ASN B 182 -19.02 -5.06 23.36
C ASN B 182 -20.35 -4.69 22.74
N ALA B 183 -21.03 -5.69 22.21
CA ALA B 183 -22.37 -5.53 21.72
C ALA B 183 -23.10 -6.84 21.95
N SER B 184 -24.43 -6.76 22.01
CA SER B 184 -25.22 -7.92 22.32
C SER B 184 -25.31 -8.84 21.11
N LYS B 185 -25.95 -9.99 21.32
CA LYS B 185 -26.23 -10.93 20.25
C LYS B 185 -27.31 -10.44 19.30
N PHE B 186 -27.97 -9.33 19.61
CA PHE B 186 -28.98 -8.72 18.76
C PHE B 186 -28.48 -7.45 18.10
N HIS B 187 -27.27 -7.01 18.42
CA HIS B 187 -26.60 -5.97 17.65
C HIS B 187 -25.87 -6.60 16.49
N GLN B 188 -25.55 -5.76 15.51
CA GLN B 188 -24.86 -6.24 14.32
C GLN B 188 -23.95 -5.13 13.81
N GLY B 189 -23.02 -5.51 12.95
CA GLY B 189 -22.04 -4.59 12.41
C GLY B 189 -20.67 -5.19 12.45
N ALA B 190 -19.77 -4.69 11.61
CA ALA B 190 -18.40 -5.15 11.59
C ALA B 190 -17.46 -3.96 11.64
N LEU B 191 -16.36 -4.12 12.35
CA LEU B 191 -15.28 -3.16 12.34
C LEU B 191 -14.07 -3.78 11.66
N LEU B 192 -13.50 -3.06 10.70
CA LEU B 192 -12.15 -3.38 10.28
C LEU B 192 -11.22 -2.65 11.26
N VAL B 193 -10.71 -3.40 12.22
CA VAL B 193 -9.63 -2.93 13.06
C VAL B 193 -8.34 -3.24 12.34
N ALA B 194 -7.59 -2.22 11.94
CA ALA B 194 -6.44 -2.43 11.10
C ALA B 194 -5.31 -1.50 11.48
N ILE B 195 -4.10 -1.94 11.18
CA ILE B 195 -2.87 -1.23 11.50
C ILE B 195 -2.26 -0.80 10.19
N LEU B 196 -2.43 0.47 9.83
CA LEU B 196 -1.82 0.97 8.61
C LEU B 196 -0.50 1.63 8.94
N PRO B 197 0.63 1.04 8.59
CA PRO B 197 1.92 1.63 8.96
C PRO B 197 2.27 2.80 8.07
N GLU B 198 2.79 3.84 8.72
CA GLU B 198 3.03 5.16 8.14
C GLU B 198 1.77 5.71 7.49
N TYR B 199 0.75 5.84 8.33
CA TYR B 199 -0.55 6.33 7.91
C TYR B 199 -0.46 7.84 7.72
N VAL B 200 0.03 8.23 6.55
CA VAL B 200 0.08 9.64 6.20
C VAL B 200 -1.32 10.09 5.81
N ILE B 201 -1.85 11.06 6.54
CA ILE B 201 -3.15 11.61 6.25
C ILE B 201 -3.04 12.55 5.07
N GLY B 202 -3.95 12.40 4.11
CA GLY B 202 -4.13 13.40 3.08
C GLY B 202 -5.33 14.26 3.41
N THR B 203 -5.40 15.40 2.73
CA THR B 203 -6.55 16.28 2.89
C THR B 203 -7.55 16.03 1.78
N VAL B 204 -8.63 16.82 1.82
CA VAL B 204 -9.55 16.92 0.70
C VAL B 204 -9.00 17.77 -0.43
N ALA B 205 -7.84 18.41 -0.21
CA ALA B 205 -7.16 19.31 -1.15
C ALA B 205 -8.07 20.44 -1.60
N GLY B 206 -8.79 21.02 -0.63
CA GLY B 206 -9.81 22.00 -0.93
C GLY B 206 -11.08 21.44 -1.53
N GLY B 207 -11.21 20.12 -1.57
CA GLY B 207 -12.34 19.50 -2.22
C GLY B 207 -12.14 19.33 -3.72
N THR B 208 -11.86 20.43 -4.42
CA THR B 208 -11.69 20.38 -5.86
C THR B 208 -10.39 19.71 -6.26
N GLY B 209 -9.34 19.85 -5.45
CA GLY B 209 -8.04 19.28 -5.74
C GLY B 209 -6.97 20.29 -6.05
N THR B 210 -7.31 21.57 -6.21
CA THR B 210 -6.33 22.59 -6.56
C THR B 210 -5.54 23.09 -5.37
N GLU B 211 -6.16 23.17 -4.20
CA GLU B 211 -5.49 23.65 -3.00
C GLU B 211 -4.54 22.58 -2.48
N ASP B 212 -3.29 22.96 -2.20
CA ASP B 212 -2.33 22.03 -1.62
C ASP B 212 -2.39 22.12 -0.11
N SER B 213 -3.46 21.57 0.44
CA SER B 213 -3.63 21.54 1.87
C SER B 213 -2.81 20.40 2.47
N HIS B 214 -2.40 20.60 3.71
CA HIS B 214 -1.81 19.54 4.48
C HIS B 214 -2.57 19.44 5.79
N PRO B 215 -2.76 18.24 6.34
CA PRO B 215 -3.62 18.10 7.52
C PRO B 215 -2.98 18.71 8.74
N PRO B 216 -3.77 19.33 9.62
CA PRO B 216 -3.21 20.00 10.79
C PRO B 216 -2.70 19.00 11.81
N TYR B 217 -2.00 19.54 12.82
CA TYR B 217 -1.38 18.70 13.84
C TYR B 217 -2.40 17.95 14.68
N ILE B 218 -3.61 18.50 14.82
CA ILE B 218 -4.69 17.77 15.48
C ILE B 218 -5.19 16.61 14.65
N GLN B 219 -4.92 16.61 13.35
CA GLN B 219 -5.35 15.57 12.44
C GLN B 219 -4.25 14.54 12.16
N THR B 220 -3.01 15.00 11.99
CA THR B 220 -1.91 14.06 11.77
C THR B 220 -1.54 13.33 13.05
N GLN B 221 -1.64 14.00 14.19
CA GLN B 221 -1.31 13.42 15.49
C GLN B 221 -2.43 13.79 16.46
N PRO B 222 -3.52 13.03 16.46
CA PRO B 222 -4.68 13.41 17.28
C PRO B 222 -4.60 13.00 18.74
N GLY B 223 -3.51 12.39 19.17
CA GLY B 223 -3.38 12.01 20.56
C GLY B 223 -4.22 10.79 20.90
N ALA B 224 -4.44 10.61 22.20
CA ALA B 224 -5.20 9.46 22.68
C ALA B 224 -6.67 9.51 22.31
N ASP B 225 -7.20 10.69 22.02
CA ASP B 225 -8.60 10.81 21.61
C ASP B 225 -8.82 10.22 20.23
N GLY B 226 -7.87 10.43 19.32
CA GLY B 226 -8.02 9.98 17.96
C GLY B 226 -8.83 10.97 17.13
N PHE B 227 -8.86 10.70 15.84
CA PHE B 227 -9.54 11.55 14.87
C PHE B 227 -10.50 10.69 14.06
N GLU B 228 -11.66 11.23 13.74
CA GLU B 228 -12.55 10.47 12.88
C GLU B 228 -12.04 10.45 11.45
N LEU B 229 -12.50 9.47 10.70
CA LEU B 229 -12.32 9.49 9.26
C LEU B 229 -13.39 10.36 8.63
N GLN B 230 -12.96 11.46 8.01
CA GLN B 230 -13.88 12.26 7.21
C GLN B 230 -14.31 11.50 5.96
N HIS B 231 -13.39 10.74 5.38
CA HIS B 231 -13.66 9.89 4.22
C HIS B 231 -13.02 8.54 4.46
N PRO B 232 -13.74 7.63 5.13
CA PRO B 232 -13.17 6.31 5.42
C PRO B 232 -12.94 5.44 4.20
N TYR B 233 -13.61 5.73 3.07
CA TYR B 233 -13.43 4.92 1.87
C TYR B 233 -12.03 5.05 1.32
N VAL B 234 -11.46 6.26 1.35
CA VAL B 234 -10.09 6.48 0.94
C VAL B 234 -9.17 6.67 2.13
N LEU B 235 -9.67 6.40 3.34
CA LEU B 235 -8.93 6.41 4.60
C LEU B 235 -8.29 7.76 4.91
N ASP B 236 -8.87 8.85 4.37
CA ASP B 236 -8.29 10.19 4.40
C ASP B 236 -6.87 10.23 3.86
N ALA B 237 -6.56 9.33 2.91
CA ALA B 237 -5.21 9.23 2.37
C ALA B 237 -5.23 8.88 0.88
N GLY B 238 -6.40 8.84 0.25
CA GLY B 238 -6.50 8.47 -1.14
C GLY B 238 -6.28 7.01 -1.45
N ILE B 239 -6.23 6.15 -0.43
CA ILE B 239 -5.98 4.72 -0.64
C ILE B 239 -7.20 3.94 -0.12
N PRO B 240 -7.65 2.93 -0.85
CA PRO B 240 -8.93 2.30 -0.50
C PRO B 240 -8.85 1.45 0.76
N ILE B 241 -9.91 1.56 1.55
CA ILE B 241 -10.06 0.74 2.74
C ILE B 241 -10.42 -0.69 2.37
N SER B 242 -10.86 -0.92 1.14
CA SER B 242 -11.09 -2.27 0.66
C SER B 242 -9.79 -3.07 0.63
N GLN B 243 -8.67 -2.41 0.38
CA GLN B 243 -7.37 -3.04 0.39
C GLN B 243 -6.63 -2.85 1.71
N LEU B 244 -7.32 -2.39 2.77
CA LEU B 244 -6.66 -2.15 4.04
C LEU B 244 -6.28 -3.45 4.75
N THR B 245 -6.83 -4.58 4.34
CA THR B 245 -6.51 -5.82 5.03
C THR B 245 -5.18 -6.43 4.60
N VAL B 246 -4.44 -5.83 3.66
CA VAL B 246 -3.06 -6.23 3.43
C VAL B 246 -2.17 -5.77 4.57
N CYS B 247 -2.62 -4.81 5.32
CA CYS B 247 -2.03 -4.35 6.55
C CYS B 247 -2.51 -5.27 7.68
N PRO B 248 -1.82 -5.29 8.83
CA PRO B 248 -2.27 -6.15 9.94
C PRO B 248 -3.63 -5.72 10.45
N HIS B 249 -4.59 -6.62 10.32
CA HIS B 249 -5.98 -6.27 10.50
C HIS B 249 -6.68 -7.37 11.27
N GLN B 250 -7.79 -7.00 11.90
CA GLN B 250 -8.67 -7.96 12.54
C GLN B 250 -10.08 -7.42 12.44
N TRP B 251 -11.03 -8.31 12.23
CA TRP B 251 -12.43 -7.93 12.18
C TRP B 251 -13.05 -8.06 13.56
N ILE B 252 -13.72 -6.99 14.01
CA ILE B 252 -14.70 -7.10 15.08
C ILE B 252 -16.04 -7.29 14.40
N ASN B 253 -16.36 -8.54 14.08
CA ASN B 253 -17.70 -8.90 13.67
C ASN B 253 -18.49 -9.21 14.94
N LEU B 254 -19.51 -8.41 15.22
CA LEU B 254 -20.16 -8.41 16.53
C LEU B 254 -20.84 -9.73 16.86
N ARG B 255 -21.30 -10.45 15.84
CA ARG B 255 -21.84 -11.77 16.07
C ARG B 255 -20.75 -12.77 16.43
N THR B 256 -19.53 -12.52 15.98
CA THR B 256 -18.42 -13.45 16.11
C THR B 256 -17.52 -13.10 17.28
N ASN B 257 -17.08 -11.85 17.35
CA ASN B 257 -16.10 -11.44 18.35
C ASN B 257 -16.37 -10.01 18.75
N ASN B 258 -16.17 -9.71 20.02
CA ASN B 258 -16.32 -8.35 20.51
C ASN B 258 -15.01 -7.57 20.54
N CYS B 259 -13.87 -8.26 20.51
CA CYS B 259 -12.60 -7.59 20.64
C CYS B 259 -11.65 -8.00 19.52
N ALA B 260 -10.74 -7.10 19.18
CA ALA B 260 -9.66 -7.34 18.25
C ALA B 260 -8.34 -7.12 18.95
N THR B 261 -7.44 -8.07 18.85
CA THR B 261 -6.11 -7.95 19.46
C THR B 261 -5.09 -8.08 18.34
N ILE B 262 -4.62 -6.94 17.84
CA ILE B 262 -3.54 -6.93 16.86
C ILE B 262 -2.25 -6.63 17.61
N ILE B 263 -1.26 -7.49 17.46
CA ILE B 263 0.04 -7.28 18.06
C ILE B 263 0.99 -6.83 16.97
N VAL B 264 1.45 -5.59 17.09
CA VAL B 264 2.18 -4.87 16.06
C VAL B 264 3.64 -4.84 16.45
N PRO B 265 4.57 -5.18 15.56
CA PRO B 265 5.98 -4.95 15.85
C PRO B 265 6.34 -3.49 15.57
N TYR B 266 7.57 -3.14 15.91
CA TYR B 266 8.08 -1.83 15.54
C TYR B 266 8.42 -1.83 14.06
N MET B 267 7.73 -1.01 13.29
CA MET B 267 7.90 -0.96 11.84
C MET B 267 8.44 0.41 11.47
N ASN B 268 9.69 0.43 11.01
CA ASN B 268 10.31 1.66 10.56
C ASN B 268 11.47 1.29 9.64
N THR B 269 11.91 2.27 8.86
CA THR B 269 13.20 2.16 8.20
C THR B 269 14.35 2.33 9.17
N LEU B 270 14.09 2.76 10.39
CA LEU B 270 15.06 3.11 11.38
C LEU B 270 14.92 2.22 12.61
N PRO B 271 16.02 1.94 13.31
CA PRO B 271 15.89 1.14 14.54
C PRO B 271 15.13 1.84 15.64
N PHE B 272 15.28 3.15 15.75
CA PHE B 272 14.58 3.98 16.70
C PHE B 272 14.06 5.18 15.94
N ASP B 273 13.13 5.92 16.54
CA ASP B 273 12.69 7.18 15.96
C ASP B 273 12.14 8.05 17.07
N SER B 274 11.79 9.28 16.70
CA SER B 274 11.09 10.16 17.62
C SER B 274 9.65 9.68 17.81
N ALA B 275 9.26 9.55 19.07
CA ALA B 275 7.87 9.26 19.38
C ALA B 275 6.97 10.47 19.18
N LEU B 276 7.53 11.67 19.14
CA LEU B 276 6.78 12.90 19.05
C LEU B 276 6.53 13.32 17.61
N ASN B 277 7.55 13.25 16.77
CA ASN B 277 7.38 13.65 15.38
C ASN B 277 6.81 12.50 14.57
N HIS B 278 7.53 11.41 14.50
CA HIS B 278 7.20 10.29 13.64
C HIS B 278 6.17 9.39 14.32
N CYS B 279 5.08 9.12 13.62
CA CYS B 279 4.13 8.10 14.04
C CYS B 279 4.37 6.86 13.18
N ASN B 280 4.72 5.75 13.85
CA ASN B 280 5.14 4.56 13.12
C ASN B 280 3.98 3.90 12.40
N PHE B 281 2.78 3.96 12.98
CA PHE B 281 1.61 3.41 12.31
C PHE B 281 0.37 4.12 12.78
N GLY B 282 -0.71 3.90 12.04
CA GLY B 282 -2.02 4.35 12.42
C GLY B 282 -2.95 3.18 12.61
N LEU B 283 -3.52 3.04 13.81
CA LEU B 283 -4.58 2.07 14.02
C LEU B 283 -5.88 2.62 13.47
N LEU B 284 -6.53 1.86 12.61
CA LEU B 284 -7.79 2.24 11.99
C LEU B 284 -8.89 1.30 12.46
N VAL B 285 -9.91 1.87 13.10
CA VAL B 285 -11.08 1.13 13.55
C VAL B 285 -12.26 1.70 12.78
N VAL B 286 -12.73 0.97 11.76
CA VAL B 286 -13.71 1.52 10.82
C VAL B 286 -14.91 0.61 10.69
N PRO B 287 -16.14 1.14 10.80
CA PRO B 287 -17.33 0.31 10.54
C PRO B 287 -17.58 0.02 9.07
N ILE B 288 -16.99 -1.06 8.56
CA ILE B 288 -17.30 -1.52 7.20
C ILE B 288 -18.77 -1.90 7.10
N SER B 289 -19.20 -2.78 7.94
CA SER B 289 -20.62 -3.02 8.06
C SER B 289 -21.18 -2.14 9.17
N PRO B 290 -22.25 -1.40 8.92
CA PRO B 290 -22.71 -0.40 9.89
C PRO B 290 -23.35 -1.05 11.10
N LEU B 291 -23.26 -0.33 12.22
CA LEU B 291 -23.90 -0.77 13.45
C LEU B 291 -25.41 -0.68 13.30
N ASP B 292 -26.09 -1.78 13.59
CA ASP B 292 -27.54 -1.82 13.52
C ASP B 292 -28.08 -2.63 14.68
N PHE B 293 -29.24 -2.19 15.16
CA PHE B 293 -29.95 -2.79 16.27
C PHE B 293 -31.36 -2.25 16.23
N ASP B 294 -32.26 -2.94 16.91
CA ASP B 294 -33.62 -2.42 17.03
C ASP B 294 -33.71 -1.50 18.23
N GLN B 295 -34.71 -0.61 18.20
CA GLN B 295 -34.89 0.36 19.27
C GLN B 295 -35.33 -0.35 20.55
N GLY B 296 -34.53 -0.19 21.60
CA GLY B 296 -34.73 -0.94 22.82
C GLY B 296 -33.43 -1.60 23.24
N ALA B 297 -32.65 -2.03 22.25
CA ALA B 297 -31.30 -2.47 22.50
C ALA B 297 -30.42 -1.26 22.80
N THR B 298 -29.25 -1.53 23.40
CA THR B 298 -28.33 -0.50 23.86
C THR B 298 -27.81 0.34 22.70
N PRO B 299 -28.19 1.62 22.62
CA PRO B 299 -27.71 2.45 21.51
C PRO B 299 -26.27 2.87 21.67
N VAL B 300 -25.76 2.89 22.89
CA VAL B 300 -24.42 3.36 23.18
C VAL B 300 -23.50 2.15 23.07
N ILE B 301 -22.82 2.03 21.94
CA ILE B 301 -21.90 0.92 21.69
C ILE B 301 -20.49 1.48 21.66
N PRO B 302 -19.73 1.38 22.75
CA PRO B 302 -18.41 1.99 22.76
C PRO B 302 -17.34 1.08 22.19
N ILE B 303 -16.36 1.71 21.57
CA ILE B 303 -15.15 1.05 21.13
C ILE B 303 -14.05 1.56 22.03
N THR B 304 -13.56 0.70 22.90
CA THR B 304 -12.48 1.05 23.79
C THR B 304 -11.17 0.56 23.20
N ILE B 305 -10.16 1.42 23.23
CA ILE B 305 -8.87 1.15 22.63
C ILE B 305 -7.89 0.92 23.77
N THR B 306 -7.39 -0.29 23.87
CA THR B 306 -6.47 -0.68 24.95
C THR B 306 -5.14 -1.06 24.32
N LEU B 307 -4.07 -0.39 24.75
CA LEU B 307 -2.79 -0.40 24.04
C LEU B 307 -1.67 -0.87 24.96
N ALA B 308 -0.98 -1.91 24.57
CA ALA B 308 0.25 -2.25 25.25
C ALA B 308 1.43 -1.94 24.36
N PRO B 309 2.24 -0.94 24.69
CA PRO B 309 3.58 -0.88 24.10
C PRO B 309 4.35 -2.14 24.46
N MET B 310 4.94 -2.76 23.45
CA MET B 310 5.61 -4.05 23.63
C MET B 310 7.08 -3.87 23.35
N CYS B 311 7.91 -4.22 24.35
CA CYS B 311 9.36 -4.10 24.31
C CYS B 311 9.80 -2.66 23.98
N SER B 312 9.37 -1.74 24.83
CA SER B 312 9.68 -0.34 24.59
C SER B 312 11.13 -0.03 24.92
N GLU B 313 11.73 0.77 24.05
CA GLU B 313 13.16 1.04 24.12
C GLU B 313 13.32 2.52 23.82
N PHE B 314 13.97 3.24 24.72
CA PHE B 314 14.10 4.69 24.62
C PHE B 314 15.56 5.06 24.75
N ALA B 315 16.06 5.82 23.79
CA ALA B 315 17.45 6.26 23.79
C ALA B 315 17.48 7.77 23.60
N GLY B 316 18.64 8.35 23.88
CA GLY B 316 18.80 9.78 23.71
C GLY B 316 18.08 10.60 24.74
N LEU B 317 18.46 10.41 26.00
CA LEU B 317 17.80 11.10 27.09
C LEU B 317 18.20 12.57 27.12
N ARG B 318 17.20 13.43 27.19
CA ARG B 318 17.36 14.86 27.39
C ARG B 318 16.18 15.33 28.21
N GLN B 319 15.90 16.63 28.20
CA GLN B 319 14.73 17.19 28.85
C GLN B 319 13.44 16.63 28.26
N ALA B 320 12.37 16.73 29.02
CA ALA B 320 11.05 16.32 28.55
C ALA B 320 10.56 17.28 27.49
N VAL B 321 10.35 16.77 26.28
CA VAL B 321 9.85 17.54 25.16
C VAL B 321 8.52 16.94 24.75
N THR B 322 7.47 17.77 24.70
CA THR B 322 6.17 17.23 24.33
C THR B 322 6.01 17.09 22.82
N GLN B 323 6.60 17.99 22.05
CA GLN B 323 6.57 17.89 20.59
C GLN B 323 7.78 18.55 19.94
N GLY C 1 41.24 -2.24 -32.16
CA GLY C 1 40.98 -3.09 -31.01
C GLY C 1 40.37 -4.42 -31.39
N PHE C 2 39.59 -4.97 -30.49
CA PHE C 2 38.97 -6.26 -30.73
C PHE C 2 37.84 -6.09 -31.74
N PRO C 3 37.82 -6.89 -32.82
CA PRO C 3 36.83 -6.71 -33.88
C PRO C 3 35.42 -7.03 -33.41
N THR C 4 34.60 -5.99 -33.33
CA THR C 4 33.22 -6.11 -32.89
C THR C 4 32.29 -5.63 -33.99
N GLU C 5 31.04 -6.02 -33.88
CA GLU C 5 30.03 -5.74 -34.90
C GLU C 5 28.75 -5.35 -34.18
N LEU C 6 28.29 -4.12 -34.38
CA LEU C 6 27.08 -3.68 -33.69
C LEU C 6 25.84 -4.28 -34.33
N LYS C 7 24.98 -4.82 -33.48
CA LYS C 7 23.76 -5.48 -33.90
C LYS C 7 22.63 -4.46 -33.95
N PRO C 8 21.47 -4.83 -34.51
CA PRO C 8 20.35 -3.86 -34.59
C PRO C 8 19.89 -3.24 -33.27
N GLY C 9 19.91 -3.96 -32.16
CA GLY C 9 19.45 -3.37 -30.90
C GLY C 9 20.35 -2.32 -30.26
N THR C 10 21.44 -1.96 -30.93
CA THR C 10 22.39 -0.95 -30.47
C THR C 10 21.75 0.42 -30.31
N ASN C 11 22.07 1.07 -29.17
CA ASN C 11 21.70 2.42 -28.75
C ASN C 11 20.23 2.58 -28.43
N GLN C 12 19.45 1.50 -28.45
CA GLN C 12 18.08 1.58 -28.00
C GLN C 12 18.05 1.62 -26.49
N PHE C 13 17.03 2.27 -25.95
CA PHE C 13 16.78 2.23 -24.52
C PHE C 13 15.52 1.41 -24.34
N LEU C 14 15.70 0.11 -24.14
CA LEU C 14 14.63 -0.74 -23.68
C LEU C 14 14.43 -0.50 -22.20
N THR C 15 13.22 -0.11 -21.80
CA THR C 15 12.96 0.24 -20.41
C THR C 15 12.97 -0.98 -19.50
N THR C 16 12.78 -2.18 -20.05
CA THR C 16 12.85 -3.40 -19.27
C THR C 16 14.17 -4.13 -19.48
N ASP C 17 15.13 -3.50 -20.16
CA ASP C 17 16.46 -4.08 -20.30
C ASP C 17 17.15 -4.11 -18.94
N ASP C 18 17.41 -5.31 -18.45
CA ASP C 18 18.17 -5.51 -17.22
C ASP C 18 19.65 -5.48 -17.61
N GLY C 19 20.22 -4.27 -17.59
CA GLY C 19 21.59 -4.08 -17.99
C GLY C 19 22.45 -3.60 -16.84
N VAL C 20 23.74 -3.50 -17.12
CA VAL C 20 24.73 -2.96 -16.21
C VAL C 20 24.95 -1.51 -16.58
N SER C 21 24.78 -0.60 -15.64
CA SER C 21 25.02 0.81 -15.90
C SER C 21 26.15 1.30 -15.01
N ALA C 22 26.68 2.44 -15.39
CA ALA C 22 27.85 2.98 -14.72
C ALA C 22 27.46 3.54 -13.35
N PRO C 23 28.16 3.13 -12.28
CA PRO C 23 27.79 3.60 -10.93
C PRO C 23 28.26 5.03 -10.69
N ILE C 24 27.34 5.88 -10.22
CA ILE C 24 27.64 7.28 -10.02
C ILE C 24 28.51 7.54 -8.80
N LEU C 25 28.62 6.60 -7.90
CA LEU C 25 29.38 6.79 -6.65
C LEU C 25 30.30 5.61 -6.50
N PRO C 26 31.61 5.79 -6.70
CA PRO C 26 32.51 4.64 -6.96
C PRO C 26 32.71 3.70 -5.79
N ASN C 27 32.63 4.15 -4.54
CA ASN C 27 32.80 3.22 -3.44
C ASN C 27 31.76 3.44 -2.36
N PHE C 28 30.56 3.86 -2.77
CA PHE C 28 29.48 4.11 -1.84
C PHE C 28 28.97 2.81 -1.24
N HIS C 29 29.04 2.70 0.07
CA HIS C 29 28.25 1.60 0.58
C HIS C 29 26.96 2.15 1.16
N PRO C 30 25.83 1.47 0.93
CA PRO C 30 24.55 1.97 1.45
C PRO C 30 24.48 1.86 2.96
N THR C 31 23.49 2.54 3.51
CA THR C 31 23.09 2.31 4.88
C THR C 31 22.71 0.84 5.02
N PRO C 32 23.22 0.13 6.03
CA PRO C 32 22.92 -1.30 6.16
C PRO C 32 21.44 -1.54 6.38
N CYS C 33 20.93 -2.58 5.74
CA CYS C 33 19.51 -2.86 5.79
C CYS C 33 19.17 -3.45 7.15
N ILE C 34 18.47 -2.67 7.96
CA ILE C 34 17.94 -3.19 9.20
C ILE C 34 16.76 -4.11 8.89
N HIS C 35 16.38 -4.91 9.87
CA HIS C 35 15.21 -5.74 9.70
C HIS C 35 13.96 -4.88 9.84
N ILE C 36 13.14 -4.88 8.82
CA ILE C 36 11.87 -4.18 8.84
C ILE C 36 10.79 -5.25 8.75
N PRO C 37 9.71 -5.16 9.52
CA PRO C 37 8.62 -6.13 9.37
C PRO C 37 7.88 -5.94 8.07
N GLY C 38 7.31 -7.03 7.58
CA GLY C 38 6.45 -6.97 6.42
C GLY C 38 7.15 -6.96 5.10
N GLU C 39 8.27 -7.66 4.98
CA GLU C 39 8.98 -7.74 3.71
C GLU C 39 8.20 -8.59 2.73
N VAL C 40 7.84 -7.99 1.61
CA VAL C 40 7.30 -8.69 0.47
C VAL C 40 8.45 -8.98 -0.46
N ARG C 41 8.57 -10.22 -0.89
CA ARG C 41 9.53 -10.60 -1.92
C ARG C 41 8.85 -10.95 -3.23
N ASN C 42 7.53 -11.11 -3.22
CA ASN C 42 6.76 -11.52 -4.38
C ASN C 42 5.35 -10.96 -4.24
N LEU C 43 4.83 -10.39 -5.32
CA LEU C 43 3.52 -9.75 -5.27
C LEU C 43 2.37 -10.73 -5.05
N LEU C 44 2.59 -12.02 -5.27
CA LEU C 44 1.55 -13.01 -5.00
C LEU C 44 1.26 -13.17 -3.51
N GLU C 45 2.19 -12.75 -2.65
CA GLU C 45 1.90 -12.66 -1.22
C GLU C 45 0.75 -11.71 -0.92
N LEU C 46 0.62 -10.65 -1.72
CA LEU C 46 -0.47 -9.71 -1.59
C LEU C 46 -1.75 -10.19 -2.25
N CYS C 47 -1.62 -11.01 -3.29
CA CYS C 47 -2.78 -11.58 -3.97
C CYS C 47 -3.51 -12.56 -3.07
N GLN C 48 -2.78 -13.25 -2.20
CA GLN C 48 -3.33 -14.23 -1.28
C GLN C 48 -3.88 -13.60 -0.01
N VAL C 49 -3.87 -12.28 0.10
CA VAL C 49 -4.44 -11.59 1.24
C VAL C 49 -5.86 -11.16 0.88
N GLU C 50 -6.82 -11.57 1.70
CA GLU C 50 -8.23 -11.26 1.44
C GLU C 50 -8.48 -9.79 1.67
N THR C 51 -8.78 -9.10 0.59
CA THR C 51 -9.17 -7.71 0.60
C THR C 51 -10.63 -7.61 0.22
N ILE C 52 -11.25 -6.50 0.63
CA ILE C 52 -12.70 -6.37 0.55
C ILE C 52 -13.12 -6.27 -0.91
N LEU C 53 -13.96 -7.19 -1.34
CA LEU C 53 -14.50 -7.23 -2.68
C LEU C 53 -15.76 -6.36 -2.72
N GLU C 54 -15.75 -5.35 -3.58
CA GLU C 54 -16.87 -4.41 -3.66
C GLU C 54 -17.95 -4.97 -4.59
N VAL C 55 -18.60 -6.03 -4.09
CA VAL C 55 -19.73 -6.63 -4.79
C VAL C 55 -20.85 -5.62 -4.95
N ASN C 56 -21.07 -4.79 -3.92
CA ASN C 56 -22.06 -3.73 -3.99
C ASN C 56 -21.49 -2.49 -4.65
N ASN C 57 -21.00 -2.63 -5.88
CA ASN C 57 -20.48 -1.45 -6.55
C ASN C 57 -21.58 -0.70 -7.31
N VAL C 58 -22.70 -0.47 -6.64
CA VAL C 58 -23.72 0.48 -7.10
C VAL C 58 -23.53 1.92 -6.60
N PRO C 59 -23.36 2.21 -5.25
CA PRO C 59 -23.40 3.62 -4.83
C PRO C 59 -22.15 4.43 -5.13
N THR C 60 -22.11 5.07 -6.31
CA THR C 60 -21.05 6.00 -6.66
C THR C 60 -21.07 7.30 -5.85
N ASN C 61 -22.10 7.53 -5.04
CA ASN C 61 -22.18 8.71 -4.19
C ASN C 61 -21.05 8.71 -3.16
N ALA C 62 -20.42 9.87 -2.97
CA ALA C 62 -19.26 9.97 -2.10
C ALA C 62 -19.62 9.77 -0.63
N THR C 63 -20.85 10.13 -0.24
CA THR C 63 -21.32 9.80 1.10
C THR C 63 -21.67 8.33 1.25
N SER C 64 -21.77 7.59 0.15
CA SER C 64 -22.22 6.20 0.16
C SER C 64 -21.17 5.25 -0.37
N LEU C 65 -19.91 5.68 -0.46
CA LEU C 65 -18.87 4.80 -0.96
C LEU C 65 -18.52 3.68 0.01
N MET C 66 -18.76 3.88 1.30
CA MET C 66 -18.55 2.80 2.26
C MET C 66 -19.63 1.74 2.17
N GLU C 67 -20.78 2.05 1.55
CA GLU C 67 -21.78 1.04 1.27
C GLU C 67 -21.36 0.09 0.16
N ARG C 68 -20.29 0.38 -0.56
CA ARG C 68 -19.82 -0.51 -1.59
C ARG C 68 -19.12 -1.74 -1.04
N LEU C 69 -18.64 -1.69 0.19
CA LEU C 69 -17.84 -2.76 0.76
C LEU C 69 -18.68 -3.88 1.36
N ARG C 70 -20.00 -3.76 1.34
CA ARG C 70 -20.85 -4.73 1.99
C ARG C 70 -22.21 -4.71 1.32
N PHE C 71 -22.94 -5.82 1.40
CA PHE C 71 -24.18 -5.89 0.65
C PHE C 71 -25.33 -6.56 1.40
N PRO C 72 -26.60 -6.07 1.21
CA PRO C 72 -27.69 -6.37 2.14
C PRO C 72 -28.42 -7.71 2.03
N VAL C 73 -27.98 -8.75 2.74
CA VAL C 73 -28.88 -9.86 3.00
C VAL C 73 -30.04 -9.39 3.88
N SER C 74 -31.25 -9.61 3.41
CA SER C 74 -32.46 -9.19 4.10
C SER C 74 -33.43 -10.35 4.10
N ALA C 75 -34.50 -10.21 4.88
CA ALA C 75 -35.52 -11.25 4.97
C ALA C 75 -36.33 -11.30 3.68
N GLN C 76 -36.44 -12.49 3.10
CA GLN C 76 -37.04 -12.67 1.80
C GLN C 76 -38.35 -13.46 1.90
N ALA C 77 -38.91 -13.80 0.74
CA ALA C 77 -40.11 -14.61 0.64
C ALA C 77 -39.81 -16.10 0.65
N GLY C 78 -38.56 -16.49 0.91
CA GLY C 78 -38.23 -17.88 1.07
C GLY C 78 -38.02 -18.66 -0.21
N LYS C 79 -37.83 -17.98 -1.33
CA LYS C 79 -37.50 -18.63 -2.58
C LYS C 79 -35.98 -18.73 -2.69
N GLY C 80 -35.49 -19.08 -3.86
CA GLY C 80 -34.09 -18.89 -4.15
C GLY C 80 -33.89 -17.51 -4.73
N GLU C 81 -34.01 -16.49 -3.89
CA GLU C 81 -33.92 -15.12 -4.37
C GLU C 81 -32.48 -14.74 -4.62
N LEU C 82 -32.27 -13.91 -5.63
CA LEU C 82 -30.94 -13.45 -5.97
C LEU C 82 -30.51 -12.35 -5.01
N CYS C 83 -29.43 -12.59 -4.28
CA CYS C 83 -28.88 -11.59 -3.38
C CYS C 83 -27.90 -10.69 -4.10
N ALA C 84 -26.84 -11.27 -4.65
CA ALA C 84 -25.78 -10.50 -5.27
C ALA C 84 -25.18 -11.31 -6.42
N VAL C 85 -24.55 -10.59 -7.34
CA VAL C 85 -23.99 -11.14 -8.57
C VAL C 85 -22.70 -10.40 -8.86
N PHE C 86 -21.62 -11.14 -9.13
CA PHE C 86 -20.42 -10.51 -9.66
C PHE C 86 -19.67 -11.50 -10.53
N ARG C 87 -19.00 -10.97 -11.55
CA ARG C 87 -18.09 -11.77 -12.34
C ARG C 87 -16.88 -12.16 -11.51
N ALA C 88 -16.37 -13.36 -11.74
CA ALA C 88 -15.26 -13.89 -10.98
C ALA C 88 -13.91 -13.50 -11.56
N ASP C 89 -13.86 -12.46 -12.40
CA ASP C 89 -12.62 -12.05 -13.04
C ASP C 89 -11.91 -11.03 -12.18
N PRO C 90 -10.70 -11.31 -11.70
CA PRO C 90 -10.03 -10.36 -10.81
C PRO C 90 -9.51 -9.12 -11.52
N GLY C 91 -9.05 -9.25 -12.76
CA GLY C 91 -8.55 -8.11 -13.49
C GLY C 91 -9.59 -7.31 -14.23
N ARG C 92 -10.87 -7.65 -14.10
CA ARG C 92 -11.91 -6.97 -14.86
C ARG C 92 -12.34 -5.70 -14.16
N ASP C 93 -12.80 -4.73 -14.96
CA ASP C 93 -13.47 -3.55 -14.45
C ASP C 93 -14.76 -3.95 -13.77
N GLY C 94 -14.82 -3.82 -12.45
CA GLY C 94 -16.01 -4.14 -11.70
C GLY C 94 -15.74 -4.30 -10.22
N PRO C 95 -16.34 -5.32 -9.61
CA PRO C 95 -16.21 -5.50 -8.16
C PRO C 95 -14.81 -5.86 -7.70
N TRP C 96 -13.99 -6.44 -8.57
CA TRP C 96 -12.68 -6.92 -8.16
C TRP C 96 -11.62 -5.83 -8.16
N GLN C 97 -11.92 -4.65 -8.68
CA GLN C 97 -10.96 -3.56 -8.67
C GLN C 97 -10.71 -3.04 -7.27
N SER C 98 -11.65 -3.25 -6.36
CA SER C 98 -11.43 -2.88 -4.97
C SER C 98 -10.43 -3.78 -4.27
N THR C 99 -10.10 -4.93 -4.83
CA THR C 99 -9.22 -5.87 -4.17
C THR C 99 -7.76 -5.57 -4.49
N MET C 100 -6.88 -6.00 -3.59
CA MET C 100 -5.46 -5.94 -3.86
C MET C 100 -5.08 -6.91 -4.95
N LEU C 101 -5.74 -8.08 -4.96
CA LEU C 101 -5.61 -9.02 -6.05
C LEU C 101 -5.98 -8.38 -7.38
N GLY C 102 -7.10 -7.66 -7.41
CA GLY C 102 -7.54 -7.04 -8.65
C GLY C 102 -6.67 -5.89 -9.08
N GLN C 103 -6.15 -5.12 -8.12
CA GLN C 103 -5.27 -4.01 -8.49
C GLN C 103 -3.89 -4.50 -8.91
N LEU C 104 -3.41 -5.59 -8.31
CA LEU C 104 -2.20 -6.22 -8.82
C LEU C 104 -2.46 -6.96 -10.12
N CYS C 105 -3.70 -7.41 -10.34
CA CYS C 105 -4.09 -7.93 -11.65
C CYS C 105 -4.14 -6.85 -12.71
N GLY C 106 -4.25 -5.57 -12.32
CA GLY C 106 -4.10 -4.51 -13.29
C GLY C 106 -2.70 -4.43 -13.84
N TYR C 107 -1.71 -4.82 -13.06
CA TYR C 107 -0.31 -4.70 -13.45
C TYR C 107 0.20 -5.92 -14.19
N TYR C 108 -0.63 -6.93 -14.42
CA TYR C 108 -0.22 -8.11 -15.13
C TYR C 108 -1.27 -8.42 -16.18
N THR C 109 -0.84 -9.01 -17.29
CA THR C 109 -1.79 -9.29 -18.36
C THR C 109 -2.54 -10.58 -18.09
N GLN C 110 -1.81 -11.63 -17.72
CA GLN C 110 -2.36 -12.97 -17.65
C GLN C 110 -2.28 -13.47 -16.22
N TRP C 111 -3.35 -14.11 -15.78
CA TRP C 111 -3.44 -14.68 -14.46
C TRP C 111 -3.90 -16.12 -14.58
N SER C 112 -3.48 -16.95 -13.63
CA SER C 112 -3.88 -18.33 -13.55
C SER C 112 -4.04 -18.66 -12.07
N GLY C 113 -4.84 -19.66 -11.78
CA GLY C 113 -4.94 -20.13 -10.42
C GLY C 113 -6.30 -19.86 -9.81
N SER C 114 -6.58 -20.55 -8.72
CA SER C 114 -7.87 -20.47 -8.06
C SER C 114 -7.97 -19.17 -7.25
N LEU C 115 -9.19 -18.64 -7.18
CA LEU C 115 -9.47 -17.46 -6.40
C LEU C 115 -10.32 -17.84 -5.19
N GLU C 116 -10.11 -17.15 -4.09
CA GLU C 116 -10.96 -17.28 -2.91
C GLU C 116 -11.76 -16.00 -2.76
N VAL C 117 -13.06 -16.13 -2.52
CA VAL C 117 -13.86 -15.03 -2.02
C VAL C 117 -14.42 -15.44 -0.68
N THR C 118 -14.00 -14.75 0.37
CA THR C 118 -14.54 -14.97 1.70
C THR C 118 -15.74 -14.07 1.90
N PHE C 119 -16.89 -14.66 2.17
CA PHE C 119 -18.10 -13.91 2.49
C PHE C 119 -18.27 -13.93 4.00
N MET C 120 -18.28 -12.75 4.60
CA MET C 120 -18.37 -12.61 6.04
C MET C 120 -19.74 -12.05 6.39
N PHE C 121 -20.56 -12.87 7.05
CA PHE C 121 -21.84 -12.40 7.55
C PHE C 121 -21.62 -11.46 8.71
N THR C 122 -22.23 -10.29 8.64
CA THR C 122 -22.04 -9.25 9.65
C THR C 122 -23.35 -8.88 10.30
N GLY C 123 -24.29 -9.82 10.32
CA GLY C 123 -25.53 -9.64 11.02
C GLY C 123 -25.41 -9.99 12.49
N SER C 124 -26.55 -10.14 13.12
CA SER C 124 -26.54 -10.45 14.53
C SER C 124 -26.21 -11.93 14.73
N PHE C 125 -25.80 -12.25 15.95
CA PHE C 125 -25.65 -13.64 16.36
C PHE C 125 -26.97 -14.39 16.27
N MET C 126 -28.07 -13.69 16.53
CA MET C 126 -29.41 -14.26 16.42
C MET C 126 -29.89 -14.39 14.99
N ALA C 127 -29.28 -13.65 14.06
CA ALA C 127 -29.61 -13.79 12.66
C ALA C 127 -29.08 -15.12 12.13
N THR C 128 -29.92 -15.85 11.42
CA THR C 128 -29.53 -17.14 10.89
C THR C 128 -30.06 -17.25 9.47
N GLY C 129 -29.50 -18.18 8.73
CA GLY C 129 -30.00 -18.45 7.40
C GLY C 129 -28.91 -19.02 6.52
N LYS C 130 -29.34 -19.49 5.36
CA LYS C 130 -28.47 -20.19 4.45
C LYS C 130 -28.38 -19.45 3.13
N MET C 131 -27.16 -19.37 2.60
CA MET C 131 -26.91 -18.79 1.30
C MET C 131 -26.38 -19.85 0.35
N LEU C 132 -26.82 -19.78 -0.90
CA LEU C 132 -26.22 -20.54 -1.98
C LEU C 132 -25.32 -19.58 -2.75
N ILE C 133 -24.03 -19.73 -2.58
CA ILE C 133 -23.05 -18.93 -3.31
C ILE C 133 -22.53 -19.78 -4.44
N ALA C 134 -22.94 -19.44 -5.66
CA ALA C 134 -22.68 -20.29 -6.82
C ALA C 134 -21.68 -19.61 -7.74
N TYR C 135 -20.53 -20.27 -7.91
CA TYR C 135 -19.64 -19.88 -9.00
C TYR C 135 -20.08 -20.59 -10.27
N THR C 136 -20.43 -19.83 -11.27
CA THR C 136 -20.77 -20.44 -12.54
C THR C 136 -19.54 -20.50 -13.43
N PRO C 137 -19.20 -21.68 -13.96
CA PRO C 137 -18.15 -21.75 -14.99
C PRO C 137 -18.51 -20.93 -16.19
N PRO C 138 -17.49 -20.46 -16.98
CA PRO C 138 -17.66 -19.37 -17.96
C PRO C 138 -18.74 -19.50 -19.04
N GLY C 139 -19.15 -20.72 -19.35
CA GLY C 139 -20.14 -20.89 -20.40
C GLY C 139 -21.53 -20.48 -19.99
N GLY C 140 -21.87 -20.65 -18.72
CA GLY C 140 -23.19 -20.35 -18.22
C GLY C 140 -23.45 -18.87 -18.16
N PRO C 141 -24.64 -18.45 -18.58
CA PRO C 141 -25.05 -17.06 -18.40
C PRO C 141 -25.42 -16.75 -16.96
N LEU C 142 -25.99 -15.58 -16.73
CA LEU C 142 -26.55 -15.29 -15.43
C LEU C 142 -27.70 -16.25 -15.14
N PRO C 143 -27.62 -17.06 -14.09
CA PRO C 143 -28.68 -18.04 -13.82
C PRO C 143 -29.97 -17.35 -13.41
N LYS C 144 -31.06 -17.72 -14.08
CA LYS C 144 -32.35 -17.12 -13.81
C LYS C 144 -32.90 -17.53 -12.45
N ASP C 145 -32.51 -18.70 -11.96
CA ASP C 145 -33.01 -19.25 -10.72
C ASP C 145 -31.82 -19.62 -9.85
N ARG C 146 -32.11 -19.92 -8.58
CA ARG C 146 -31.12 -20.62 -7.78
C ARG C 146 -30.93 -22.04 -8.28
N ALA C 147 -32.01 -22.67 -8.79
CA ALA C 147 -31.96 -24.02 -9.33
C ALA C 147 -31.25 -24.10 -10.67
N THR C 148 -30.88 -22.98 -11.26
CA THR C 148 -29.96 -22.97 -12.38
C THR C 148 -28.53 -22.80 -11.91
N ALA C 149 -28.35 -22.12 -10.77
CA ALA C 149 -27.04 -21.72 -10.31
C ALA C 149 -26.33 -22.81 -9.53
N MET C 150 -27.07 -23.65 -8.79
CA MET C 150 -26.44 -24.77 -8.11
C MET C 150 -25.95 -25.86 -9.04
N LEU C 151 -26.24 -25.78 -10.34
CA LEU C 151 -25.60 -26.67 -11.29
C LEU C 151 -24.12 -26.37 -11.42
N GLY C 152 -23.71 -25.14 -11.14
CA GLY C 152 -22.32 -24.77 -11.14
C GLY C 152 -21.64 -25.12 -9.82
N THR C 153 -20.41 -24.65 -9.70
CA THR C 153 -19.67 -24.78 -8.45
C THR C 153 -20.33 -23.93 -7.38
N HIS C 154 -20.74 -24.54 -6.29
CA HIS C 154 -21.47 -23.76 -5.29
C HIS C 154 -21.19 -24.26 -3.89
N VAL C 155 -21.38 -23.36 -2.93
CA VAL C 155 -21.28 -23.68 -1.52
C VAL C 155 -22.59 -23.28 -0.85
N ILE C 156 -23.06 -24.12 0.07
CA ILE C 156 -24.18 -23.77 0.93
C ILE C 156 -23.60 -23.17 2.20
N TRP C 157 -23.95 -21.92 2.46
CA TRP C 157 -23.39 -21.17 3.57
C TRP C 157 -24.47 -20.90 4.61
N ASP C 158 -24.44 -21.64 5.71
CA ASP C 158 -25.26 -21.28 6.85
C ASP C 158 -24.54 -20.17 7.59
N PHE C 159 -25.04 -18.94 7.43
CA PHE C 159 -24.29 -17.81 7.95
C PHE C 159 -24.59 -17.52 9.42
N GLY C 160 -25.71 -18.03 9.95
CA GLY C 160 -25.93 -17.93 11.38
C GLY C 160 -25.05 -18.88 12.16
N LEU C 161 -24.55 -19.92 11.51
CA LEU C 161 -23.73 -20.95 12.10
C LEU C 161 -22.26 -20.75 11.81
N GLN C 162 -21.96 -20.29 10.60
CA GLN C 162 -20.60 -20.06 10.14
C GLN C 162 -20.57 -18.64 9.59
N SER C 163 -19.95 -17.73 10.35
CA SER C 163 -20.01 -16.32 9.99
C SER C 163 -19.17 -15.98 8.78
N SER C 164 -18.20 -16.82 8.43
CA SER C 164 -17.36 -16.61 7.26
C SER C 164 -17.26 -17.90 6.46
N VAL C 165 -17.79 -17.88 5.25
CA VAL C 165 -17.55 -18.93 4.28
C VAL C 165 -16.47 -18.41 3.35
N THR C 166 -15.83 -19.33 2.63
CA THR C 166 -14.92 -18.97 1.55
C THR C 166 -15.38 -19.71 0.30
N LEU C 167 -15.88 -18.98 -0.68
CA LEU C 167 -16.10 -19.53 -2.01
C LEU C 167 -14.75 -19.59 -2.71
N VAL C 168 -14.17 -20.78 -2.79
CA VAL C 168 -13.01 -20.99 -3.64
C VAL C 168 -13.55 -21.04 -5.07
N ILE C 169 -13.25 -20.01 -5.85
CA ILE C 169 -13.49 -20.04 -7.28
C ILE C 169 -12.38 -20.89 -7.88
N PRO C 170 -12.66 -22.10 -8.34
CA PRO C 170 -11.61 -22.97 -8.84
C PRO C 170 -11.14 -22.48 -10.20
N TRP C 171 -9.86 -22.67 -10.46
CA TRP C 171 -9.31 -22.31 -11.77
C TRP C 171 -9.87 -23.29 -12.78
N ILE C 172 -10.92 -22.88 -13.47
CA ILE C 172 -11.54 -23.70 -14.50
C ILE C 172 -11.49 -22.94 -15.81
N SER C 173 -10.50 -23.23 -16.63
CA SER C 173 -10.27 -22.47 -17.84
C SER C 173 -9.82 -23.41 -18.94
N ASN C 174 -10.15 -23.03 -20.18
CA ASN C 174 -9.57 -23.72 -21.32
C ASN C 174 -8.09 -23.45 -21.42
N THR C 175 -7.70 -22.20 -21.27
CA THR C 175 -6.31 -21.78 -21.38
C THR C 175 -5.62 -21.95 -20.04
N HIS C 176 -4.30 -22.09 -20.07
CA HIS C 176 -3.53 -22.20 -18.84
C HIS C 176 -3.49 -20.89 -18.08
N TYR C 177 -3.67 -19.76 -18.75
CA TYR C 177 -3.74 -18.45 -18.13
C TYR C 177 -4.93 -17.71 -18.72
N ARG C 178 -5.43 -16.73 -18.00
CA ARG C 178 -6.52 -15.90 -18.51
C ARG C 178 -6.01 -14.48 -18.67
N ALA C 179 -6.23 -13.89 -19.84
CA ALA C 179 -5.73 -12.55 -20.10
C ALA C 179 -6.80 -11.47 -19.85
N HIS C 180 -7.41 -11.46 -18.66
CA HIS C 180 -8.21 -10.34 -18.15
C HIS C 180 -9.39 -9.95 -19.02
N ALA C 181 -10.46 -10.73 -18.96
CA ALA C 181 -11.69 -10.51 -19.71
C ALA C 181 -12.19 -9.08 -19.65
N ARG C 182 -12.66 -8.61 -20.79
CA ARG C 182 -13.35 -7.34 -20.95
C ARG C 182 -14.64 -7.63 -21.70
N ASP C 183 -15.53 -6.64 -21.75
CA ASP C 183 -16.79 -6.78 -22.48
C ASP C 183 -16.52 -6.63 -23.97
N GLY C 184 -15.99 -7.70 -24.56
CA GLY C 184 -15.64 -7.74 -25.97
C GLY C 184 -15.23 -9.14 -26.36
N VAL C 185 -14.20 -9.28 -27.19
CA VAL C 185 -13.70 -10.61 -27.51
C VAL C 185 -12.87 -11.21 -26.39
N PHE C 186 -12.47 -10.42 -25.41
CA PHE C 186 -11.70 -10.96 -24.30
C PHE C 186 -12.58 -11.61 -23.24
N ASP C 187 -13.91 -11.53 -23.38
CA ASP C 187 -14.85 -12.34 -22.60
C ASP C 187 -14.66 -13.85 -22.79
N TYR C 188 -13.90 -14.26 -23.81
CA TYR C 188 -13.25 -15.56 -23.85
C TYR C 188 -12.52 -15.90 -22.56
N TYR C 189 -11.89 -14.92 -21.93
CA TYR C 189 -11.16 -15.12 -20.70
C TYR C 189 -11.99 -14.86 -19.46
N THR C 190 -13.32 -14.91 -19.56
CA THR C 190 -14.11 -14.71 -18.36
C THR C 190 -13.94 -15.91 -17.44
N THR C 191 -13.86 -15.64 -16.15
CA THR C 191 -13.81 -16.72 -15.19
C THR C 191 -15.17 -17.33 -15.00
N GLY C 192 -16.20 -16.58 -15.33
CA GLY C 192 -17.56 -16.95 -15.05
C GLY C 192 -18.17 -15.99 -14.03
N LEU C 193 -19.30 -16.41 -13.50
CA LEU C 193 -20.09 -15.57 -12.63
C LEU C 193 -20.10 -16.14 -11.23
N VAL C 194 -20.20 -15.27 -10.23
CA VAL C 194 -20.53 -15.67 -8.88
C VAL C 194 -21.84 -15.01 -8.54
N SER C 195 -22.82 -15.80 -8.15
CA SER C 195 -24.13 -15.29 -7.77
C SER C 195 -24.48 -15.80 -6.38
N ILE C 196 -25.07 -14.93 -5.57
CA ILE C 196 -25.43 -15.23 -4.21
C ILE C 196 -26.93 -15.43 -4.15
N TRP C 197 -27.37 -16.55 -3.60
CA TRP C 197 -28.77 -16.88 -3.55
C TRP C 197 -29.17 -17.18 -2.13
N TYR C 198 -30.37 -16.77 -1.75
CA TYR C 198 -30.91 -17.15 -0.45
C TYR C 198 -31.27 -18.63 -0.49
N GLN C 199 -30.48 -19.43 0.22
CA GLN C 199 -30.75 -20.86 0.21
C GLN C 199 -31.95 -21.21 1.06
N THR C 200 -31.97 -20.78 2.32
CA THR C 200 -33.27 -20.77 2.99
C THR C 200 -33.91 -19.39 2.94
N ASN C 201 -33.42 -18.48 3.78
CA ASN C 201 -33.94 -17.13 4.00
C ASN C 201 -33.08 -16.51 5.10
N TYR C 202 -33.06 -15.19 5.16
CA TYR C 202 -32.51 -14.49 6.32
C TYR C 202 -33.57 -14.58 7.40
N VAL C 203 -33.36 -15.47 8.37
CA VAL C 203 -34.32 -15.69 9.44
C VAL C 203 -33.86 -14.93 10.67
N VAL C 204 -34.72 -14.07 11.19
CA VAL C 204 -34.34 -13.18 12.27
C VAL C 204 -35.41 -13.28 13.35
N PRO C 205 -35.06 -13.24 14.63
CA PRO C 205 -36.08 -13.15 15.68
C PRO C 205 -36.47 -11.71 15.95
N ILE C 206 -37.32 -11.50 16.96
CA ILE C 206 -37.67 -10.14 17.37
C ILE C 206 -36.48 -9.51 18.07
N GLY C 207 -36.23 -8.23 17.77
CA GLY C 207 -35.18 -7.50 18.43
C GLY C 207 -33.86 -7.46 17.70
N ALA C 208 -33.66 -8.32 16.73
CA ALA C 208 -32.48 -8.31 15.90
C ALA C 208 -32.83 -7.74 14.53
N PRO C 209 -31.88 -7.04 13.86
CA PRO C 209 -32.24 -6.30 12.65
C PRO C 209 -32.61 -7.19 11.47
N ASN C 210 -33.65 -6.76 10.75
CA ASN C 210 -34.18 -7.50 9.61
C ASN C 210 -33.30 -7.41 8.38
N THR C 211 -32.31 -6.53 8.38
CA THR C 211 -31.37 -6.40 7.29
C THR C 211 -29.97 -6.54 7.86
N ALA C 212 -29.17 -7.37 7.22
CA ALA C 212 -27.78 -7.55 7.58
C ALA C 212 -26.92 -7.26 6.37
N TYR C 213 -25.62 -7.54 6.49
CA TYR C 213 -24.69 -7.22 5.42
C TYR C 213 -23.63 -8.30 5.31
N ILE C 214 -23.21 -8.57 4.08
CA ILE C 214 -22.11 -9.48 3.79
C ILE C 214 -20.94 -8.65 3.31
N ILE C 215 -19.81 -8.76 3.98
CA ILE C 215 -18.56 -8.24 3.46
C ILE C 215 -17.87 -9.36 2.69
N ALA C 216 -17.73 -9.19 1.39
CA ALA C 216 -16.98 -10.13 0.58
C ALA C 216 -15.50 -9.80 0.62
N LEU C 217 -14.68 -10.78 0.96
CA LEU C 217 -13.24 -10.63 1.04
C LEU C 217 -12.63 -11.54 -0.02
N ALA C 218 -12.21 -10.96 -1.14
CA ALA C 218 -11.68 -11.75 -2.24
C ALA C 218 -10.17 -11.79 -2.19
N ALA C 219 -9.62 -12.95 -2.52
CA ALA C 219 -8.18 -13.11 -2.59
C ALA C 219 -7.88 -14.14 -3.67
N ALA C 220 -6.67 -14.64 -3.64
CA ALA C 220 -6.20 -15.66 -4.56
C ALA C 220 -5.62 -16.81 -3.74
N GLN C 221 -5.66 -18.01 -4.31
CA GLN C 221 -5.10 -19.16 -3.62
C GLN C 221 -3.60 -19.22 -3.80
N LYS C 222 -2.98 -20.25 -3.24
CA LYS C 222 -1.53 -20.39 -3.36
C LYS C 222 -1.11 -20.86 -4.75
N ASN C 223 -2.01 -21.46 -5.53
CA ASN C 223 -1.72 -21.86 -6.90
C ASN C 223 -1.84 -20.69 -7.87
N PHE C 224 -2.19 -19.51 -7.39
CA PHE C 224 -2.37 -18.35 -8.24
C PHE C 224 -1.02 -17.81 -8.70
N THR C 225 -0.96 -17.43 -9.98
CA THR C 225 0.19 -16.77 -10.54
C THR C 225 -0.28 -15.64 -11.44
N MET C 226 0.64 -14.75 -11.75
CA MET C 226 0.45 -13.76 -12.80
C MET C 226 1.65 -13.81 -13.73
N LYS C 227 1.43 -13.33 -14.96
CA LYS C 227 2.55 -13.10 -15.84
C LYS C 227 2.22 -11.96 -16.80
N LEU C 228 3.24 -11.58 -17.57
CA LEU C 228 3.23 -10.49 -18.55
C LEU C 228 2.90 -9.16 -17.86
N CYS C 229 3.86 -8.74 -17.06
CA CYS C 229 3.79 -7.52 -16.24
C CYS C 229 3.59 -6.29 -17.12
N LYS C 230 2.46 -5.61 -16.93
CA LYS C 230 2.01 -4.54 -17.81
C LYS C 230 1.61 -3.30 -17.01
N ASP C 231 1.42 -2.19 -17.71
CA ASP C 231 0.88 -0.99 -17.07
C ASP C 231 -0.57 -1.22 -16.67
N THR C 232 -1.01 -0.54 -15.62
CA THR C 232 -2.34 -0.76 -15.09
C THR C 232 -3.35 0.20 -15.74
N SER C 233 -4.56 -0.32 -15.94
CA SER C 233 -5.69 0.50 -16.38
C SER C 233 -6.70 0.74 -15.28
N HIS C 234 -6.54 0.08 -14.12
CA HIS C 234 -7.51 0.20 -13.05
C HIS C 234 -7.41 1.55 -12.34
N MET C 235 -6.30 2.26 -12.50
CA MET C 235 -6.18 3.63 -12.04
C MET C 235 -5.49 4.43 -13.11
N LEU C 236 -6.22 5.31 -13.77
CA LEU C 236 -5.65 6.32 -14.65
C LEU C 236 -5.59 7.62 -13.88
N GLN C 237 -4.38 8.23 -13.86
CA GLN C 237 -4.20 9.69 -13.58
C GLN C 237 -4.91 10.57 -14.60
N THR C 238 -5.64 11.55 -14.09
CA THR C 238 -6.27 12.59 -14.90
C THR C 238 -5.68 13.95 -14.62
N ALA C 239 -5.65 14.38 -13.36
CA ALA C 239 -5.03 15.64 -13.00
C ALA C 239 -3.52 15.48 -12.93
N SER C 240 -2.81 16.46 -13.48
CA SER C 240 -1.36 16.44 -13.42
C SER C 240 -0.89 16.72 -12.00
N ILE C 241 0.12 15.96 -11.57
CA ILE C 241 0.62 16.02 -10.20
C ILE C 241 1.45 17.29 -10.05
N GLN C 242 0.94 18.26 -9.32
CA GLN C 242 1.68 19.51 -9.10
C GLN C 242 2.64 19.38 -7.93
#